data_9C10
#
_entry.id   9C10
#
_cell.length_a   103.653
_cell.length_b   138.157
_cell.length_c   178.336
_cell.angle_alpha   90.00
_cell.angle_beta   90.00
_cell.angle_gamma   90.00
#
_symmetry.space_group_name_H-M   'I 2 2 2'
#
loop_
_entity.id
_entity.type
_entity.pdbx_description
1 polymer 'Protein arginine N-methyltransferase 5'
2 polymer 'Methylosome protein 50'
3 non-polymer GLYCEROL
4 non-polymer 'DIMETHYL SULFOXIDE'
5 non-polymer (4-amino-1,3-dihydrofuro[3,4-c][1,7]naphthyridin-8-yl){(3S)-3-[4-(trifluoromethyl)phenyl]morpholin-4-yl}methanone
6 non-polymer "5'-DEOXY-5'-METHYLTHIOADENOSINE"
7 water water
#
loop_
_entity_poly.entity_id
_entity_poly.type
_entity_poly.pdbx_seq_one_letter_code
_entity_poly.pdbx_strand_id
1 'polypeptide(L)'
;MDYKDDDDKGRATMAAMAVGGAGGSRVSSGRDLNCVPEIADTLGAVAKQGFDFLCMPVFHPRFKREFIQEPAKNRPGPQT
RSDLLLSGRDWNTLIVGKLSPWIRPDSKVEKIRRNSEAAMLQELNFGAYLGLPAFLLPLNQEDNTNLARVLTNHIHTGHH
SSMFWMRVPLVAPEDLRDDIIENAPTTHTEEYSGEEKTWMWWHNFRTLCDYSKRIAVALEIGADLPSNHVIDRWLGEPIK
AAILPTSIFLTNKKGFPVLSKMHQRLIFRLLKLEVQFIITGTNHHSEKEFCSYLQYLEYLSQNRPPPNAYELFAKGYEDY
LQSPLQPLMDNLESQTYEVFEKDPIKYSQYQQAIYKCLLDRVPEEEKDTNVQVLMVLGAGRGPLVNASLRAAKQADRRIK
LYAVEKNPNAVVTLENWQFEEWGSQVTVVSSDMREWVAPEKADIIVSELLGSFADNELSPECLDGAQHFLKDDGVSIPGE
YTSFLAPISSSKLYNEVRACREKDRDPEAQFEMPYVVRLHNFHQLSAPQPCFTFSHPNRDPMIDNNRYCTLEFPVEVNTV
LHGFAGYFETVLYQDITLSIRPETHSPGMFSWFPILFPIKQPITVREGQTICVRFWRCSNSKKVWYEWAVTAPVCSAIHN
PTGRSYTIGL
;
A
2 'polypeptide(L)'
;GSLRKETPPPLVPPAAREWNLPPNAPACMERQLEAARYRSDGALLLGASSLSGRCWAGSLWLFKDPCAAPNEGFCSAGVQ
TEAGVADLTWVGERGILVASDSGAVELWELDENETLIVSKFCKYEHDDIVSTVSVLSSGTQAVSGSKDICIKVWDLAQQV
VLSSYRAHAAQVTCVAASPHKDSVFLSCSEDNRILLWDTRCPKPASQIGCSAPGYLPTSLAWHPQQSEVFVFGDENGTVS
LVDTKSTSCVLSSAVHSQCVTGLVFSPHSVPFLASLSEDCSLAVLDSSLSELFRSQAHRDFVRDATWSPLNHSLLTTVGW
DHQVVHHVVPTEPLPAPGPASVTE
;
B
#
# COMPACT_ATOMS: atom_id res chain seq x y z
N ARG A 26 17.53 -5.62 -10.17
CA ARG A 26 17.59 -4.81 -8.96
C ARG A 26 16.20 -4.37 -8.52
N VAL A 27 15.18 -4.83 -9.25
CA VAL A 27 13.80 -4.49 -8.96
C VAL A 27 12.94 -5.74 -8.83
N SER A 28 12.16 -5.83 -7.76
CA SER A 28 11.30 -6.99 -7.58
C SER A 28 9.91 -6.59 -7.94
N SER A 29 9.33 -7.30 -8.88
CA SER A 29 8.02 -6.95 -9.35
C SER A 29 7.08 -8.11 -9.35
N GLY A 30 5.81 -7.75 -9.32
CA GLY A 30 4.72 -8.68 -9.28
C GLY A 30 3.68 -8.36 -10.34
N ARG A 31 2.93 -9.38 -10.72
CA ARG A 31 1.88 -9.28 -11.73
C ARG A 31 0.53 -9.46 -11.04
N ASP A 32 -0.30 -8.42 -11.07
CA ASP A 32 -1.65 -8.49 -10.51
C ASP A 32 -2.60 -8.93 -11.61
N LEU A 33 -3.18 -10.11 -11.45
CA LEU A 33 -4.26 -10.61 -12.29
C LEU A 33 -5.50 -10.87 -11.44
N ASN A 34 -6.66 -10.77 -12.11
CA ASN A 34 -7.92 -11.16 -11.51
C ASN A 34 -8.62 -12.20 -12.39
N CYS A 35 -7.82 -12.92 -13.19
CA CYS A 35 -8.31 -13.95 -14.11
C CYS A 35 -7.22 -15.01 -14.27
N VAL A 36 -7.47 -16.20 -13.73
CA VAL A 36 -6.64 -17.38 -14.01
C VAL A 36 -7.54 -18.49 -14.54
N PRO A 37 -7.33 -18.95 -15.78
CA PRO A 37 -7.95 -20.20 -16.24
C PRO A 37 -7.24 -21.41 -15.67
N GLU A 38 -5.90 -21.40 -15.67
CA GLU A 38 -5.11 -22.49 -15.12
C GLU A 38 -3.89 -21.91 -14.43
N ILE A 39 -3.71 -22.24 -13.15
CA ILE A 39 -2.61 -21.65 -12.36
C ILE A 39 -1.27 -21.94 -13.02
N ALA A 40 -0.94 -23.23 -13.15
CA ALA A 40 0.38 -23.60 -13.63
C ALA A 40 0.68 -23.03 -15.01
N ASP A 41 -0.35 -22.86 -15.84
CA ASP A 41 -0.14 -22.27 -17.15
C ASP A 41 -0.11 -20.75 -17.10
N THR A 42 -0.87 -20.14 -16.19
CA THR A 42 -0.81 -18.69 -16.02
C THR A 42 0.48 -18.28 -15.30
N LEU A 43 0.80 -18.98 -14.22
CA LEU A 43 2.02 -18.66 -13.48
C LEU A 43 3.26 -18.87 -14.35
N GLY A 44 3.28 -19.94 -15.14
CA GLY A 44 4.38 -20.14 -16.07
C GLY A 44 4.51 -19.00 -17.06
N ALA A 45 3.37 -18.50 -17.55
CA ALA A 45 3.40 -17.31 -18.40
C ALA A 45 3.98 -16.12 -17.65
N VAL A 46 3.40 -15.81 -16.48
CA VAL A 46 3.84 -14.66 -15.69
C VAL A 46 5.34 -14.75 -15.40
N ALA A 47 5.86 -15.96 -15.20
CA ALA A 47 7.27 -16.12 -14.87
C ALA A 47 8.18 -15.76 -16.04
N LYS A 48 7.83 -16.20 -17.25
CA LYS A 48 8.69 -15.94 -18.40
C LYS A 48 8.76 -14.46 -18.74
N GLN A 49 7.70 -13.70 -18.41
CA GLN A 49 7.69 -12.28 -18.73
C GLN A 49 8.66 -11.48 -17.87
N GLY A 50 9.04 -12.00 -16.70
CA GLY A 50 10.04 -11.35 -15.88
C GLY A 50 9.54 -10.96 -14.51
N PHE A 51 8.58 -11.71 -13.98
CA PHE A 51 7.92 -11.37 -12.72
C PHE A 51 8.44 -12.23 -11.58
N ASP A 52 8.54 -11.64 -10.40
CA ASP A 52 8.98 -12.36 -9.21
C ASP A 52 7.85 -13.02 -8.44
N PHE A 53 6.61 -12.53 -8.61
CA PHE A 53 5.47 -13.14 -7.95
C PHE A 53 4.19 -12.74 -8.67
N LEU A 54 3.11 -13.43 -8.33
CA LEU A 54 1.82 -13.29 -9.00
C LEU A 54 0.73 -13.07 -7.97
N CYS A 55 -0.04 -12.00 -8.13
CA CYS A 55 -1.22 -11.75 -7.33
C CYS A 55 -2.45 -12.29 -8.06
N MET A 56 -3.15 -13.24 -7.43
CA MET A 56 -4.28 -13.91 -8.05
C MET A 56 -5.34 -14.20 -7.00
N PRO A 57 -6.58 -14.45 -7.43
CA PRO A 57 -7.66 -14.81 -6.50
C PRO A 57 -7.66 -16.29 -6.17
N VAL A 58 -7.53 -16.60 -4.87
CA VAL A 58 -7.56 -17.99 -4.43
C VAL A 58 -8.90 -18.65 -4.78
N PHE A 59 -9.98 -17.89 -4.70
CA PHE A 59 -11.30 -18.33 -5.14
C PHE A 59 -11.69 -17.52 -6.37
N HIS A 60 -12.56 -18.10 -7.19
CA HIS A 60 -13.02 -17.37 -8.37
C HIS A 60 -13.69 -16.07 -7.94
N PRO A 61 -13.28 -14.92 -8.50
CA PRO A 61 -13.84 -13.65 -8.02
C PRO A 61 -15.34 -13.53 -8.17
N ARG A 62 -15.92 -14.24 -9.13
CA ARG A 62 -17.37 -14.22 -9.34
C ARG A 62 -18.09 -15.36 -8.64
N PHE A 63 -17.38 -16.14 -7.82
CA PHE A 63 -17.97 -17.29 -7.14
C PHE A 63 -18.52 -16.85 -5.79
N LYS A 64 -19.69 -16.21 -5.83
CA LYS A 64 -20.37 -15.87 -4.58
C LYS A 64 -20.89 -17.13 -3.93
N ARG A 65 -20.58 -17.29 -2.64
CA ARG A 65 -20.97 -18.46 -1.88
C ARG A 65 -21.90 -18.06 -0.76
N GLU A 66 -22.89 -18.90 -0.48
CA GLU A 66 -23.85 -18.68 0.59
C GLU A 66 -23.54 -19.62 1.75
N PHE A 67 -23.53 -19.08 2.97
CA PHE A 67 -23.16 -19.84 4.15
C PHE A 67 -24.30 -20.13 5.10
N ILE A 68 -25.46 -19.50 4.91
CA ILE A 68 -26.54 -19.60 5.90
C ILE A 68 -27.84 -20.01 5.21
N GLN A 69 -28.12 -19.43 4.05
CA GLN A 69 -29.43 -19.52 3.42
C GLN A 69 -29.61 -20.89 2.76
N GLU A 70 -30.63 -21.63 3.21
CA GLU A 70 -30.65 -23.07 3.00
C GLU A 70 -30.68 -23.55 1.55
N PRO A 71 -31.30 -22.87 0.58
CA PRO A 71 -31.23 -23.41 -0.80
C PRO A 71 -29.82 -23.43 -1.35
N ALA A 72 -29.00 -22.40 -1.05
CA ALA A 72 -27.69 -22.28 -1.66
C ALA A 72 -26.52 -22.62 -0.76
N LYS A 73 -26.74 -22.86 0.53
CA LYS A 73 -25.61 -23.17 1.41
C LYS A 73 -24.99 -24.51 1.01
N ASN A 74 -25.83 -25.48 0.63
CA ASN A 74 -25.38 -26.82 0.25
C ASN A 74 -25.01 -26.89 -1.23
N ARG A 75 -24.27 -25.90 -1.70
CA ARG A 75 -23.76 -25.95 -3.06
C ARG A 75 -22.74 -27.07 -3.17
N PRO A 76 -22.91 -28.02 -4.09
CA PRO A 76 -22.00 -29.16 -4.18
C PRO A 76 -20.72 -28.78 -4.92
N GLY A 77 -19.81 -29.74 -5.00
CA GLY A 77 -18.57 -29.55 -5.72
C GLY A 77 -17.51 -28.86 -4.90
N PRO A 78 -16.27 -28.84 -5.42
CA PRO A 78 -15.19 -28.16 -4.71
C PRO A 78 -15.40 -26.66 -4.70
N GLN A 79 -15.10 -26.04 -3.56
CA GLN A 79 -15.27 -24.60 -3.43
C GLN A 79 -14.21 -23.82 -4.19
N THR A 80 -13.06 -24.45 -4.47
CA THR A 80 -12.03 -23.83 -5.31
C THR A 80 -11.11 -24.93 -5.82
N ARG A 81 -10.05 -24.49 -6.49
CA ARG A 81 -9.10 -25.38 -7.13
C ARG A 81 -8.17 -26.04 -6.11
N SER A 82 -7.61 -27.17 -6.51
CA SER A 82 -6.70 -27.92 -5.65
C SER A 82 -5.49 -27.10 -5.26
N ASP A 83 -4.96 -27.40 -4.07
CA ASP A 83 -3.63 -26.92 -3.70
C ASP A 83 -2.53 -27.70 -4.39
N LEU A 84 -2.82 -28.91 -4.90
CA LEU A 84 -1.81 -29.72 -5.53
C LEU A 84 -1.32 -29.16 -6.86
N LEU A 85 -2.01 -28.14 -7.40
CA LEU A 85 -1.62 -27.57 -8.68
C LEU A 85 -0.31 -26.81 -8.62
N LEU A 86 0.21 -26.53 -7.43
CA LEU A 86 1.49 -25.87 -7.28
C LEU A 86 2.30 -26.58 -6.21
N SER A 87 3.62 -26.48 -6.32
CA SER A 87 4.50 -27.03 -5.31
C SER A 87 4.40 -26.22 -4.03
N GLY A 88 4.86 -26.83 -2.93
CA GLY A 88 4.83 -26.14 -1.65
C GLY A 88 5.57 -24.82 -1.67
N ARG A 89 6.79 -24.81 -2.21
CA ARG A 89 7.56 -23.58 -2.26
C ARG A 89 6.96 -22.57 -3.23
N ASP A 90 6.17 -23.02 -4.21
CA ASP A 90 5.52 -22.08 -5.11
C ASP A 90 4.48 -21.24 -4.37
N TRP A 91 3.62 -21.89 -3.59
CA TRP A 91 2.66 -21.15 -2.78
C TRP A 91 3.36 -20.23 -1.77
N ASN A 92 4.51 -20.65 -1.26
CA ASN A 92 5.18 -19.90 -0.20
C ASN A 92 5.90 -18.67 -0.71
N THR A 93 6.33 -18.67 -1.98
CA THR A 93 7.23 -17.62 -2.46
C THR A 93 6.76 -16.93 -3.73
N LEU A 94 5.72 -17.43 -4.40
CA LEU A 94 5.34 -16.89 -5.69
C LEU A 94 3.96 -16.24 -5.73
N ILE A 95 3.06 -16.56 -4.80
CA ILE A 95 1.65 -16.29 -4.97
C ILE A 95 1.17 -15.37 -3.86
N VAL A 96 0.45 -14.31 -4.25
CA VAL A 96 -0.15 -13.36 -3.34
C VAL A 96 -1.66 -13.46 -3.50
N GLY A 97 -2.34 -13.82 -2.41
CA GLY A 97 -3.77 -14.02 -2.49
C GLY A 97 -4.56 -12.72 -2.59
N LYS A 98 -5.67 -12.79 -3.31
CA LYS A 98 -6.61 -11.68 -3.41
C LYS A 98 -7.98 -12.11 -2.90
N LEU A 99 -8.54 -11.28 -2.04
CA LEU A 99 -9.87 -11.54 -1.53
C LEU A 99 -10.94 -11.11 -2.51
N SER A 100 -11.97 -11.92 -2.62
CA SER A 100 -12.92 -11.80 -3.71
C SER A 100 -13.63 -10.45 -3.66
N PRO A 101 -13.87 -9.82 -4.80
CA PRO A 101 -14.43 -8.46 -4.79
C PRO A 101 -15.82 -8.38 -4.18
N TRP A 102 -16.59 -9.47 -4.15
CA TRP A 102 -17.94 -9.42 -3.60
C TRP A 102 -17.96 -9.45 -2.08
N ILE A 103 -16.85 -9.85 -1.45
CA ILE A 103 -16.75 -9.82 0.01
C ILE A 103 -16.88 -8.37 0.47
N ARG A 104 -17.98 -8.05 1.15
CA ARG A 104 -18.19 -6.68 1.65
C ARG A 104 -18.69 -6.77 3.10
N PRO A 105 -17.76 -6.90 4.06
CA PRO A 105 -18.17 -7.08 5.46
C PRO A 105 -18.78 -5.83 6.09
N ASP A 106 -18.63 -4.67 5.47
CA ASP A 106 -19.20 -3.43 5.99
C ASP A 106 -20.46 -3.01 5.26
N SER A 107 -21.12 -3.94 4.59
CA SER A 107 -22.36 -3.64 3.87
C SER A 107 -23.46 -3.22 4.85
N LYS A 108 -24.44 -2.49 4.31
CA LYS A 108 -25.59 -2.10 5.11
C LYS A 108 -26.62 -3.20 5.21
N VAL A 109 -26.59 -4.17 4.31
CA VAL A 109 -27.47 -5.33 4.38
C VAL A 109 -26.83 -6.36 5.31
N GLU A 110 -27.63 -6.92 6.22
CA GLU A 110 -27.07 -7.83 7.22
C GLU A 110 -26.61 -9.13 6.58
N LYS A 111 -27.45 -9.73 5.73
CA LYS A 111 -27.10 -11.00 5.11
C LYS A 111 -25.80 -10.91 4.33
N ILE A 112 -25.57 -9.77 3.67
CA ILE A 112 -24.32 -9.57 2.95
C ILE A 112 -23.16 -9.45 3.92
N ARG A 113 -23.39 -8.81 5.07
CA ARG A 113 -22.33 -8.69 6.07
C ARG A 113 -21.85 -10.05 6.56
N ARG A 114 -22.78 -10.93 6.96
CA ARG A 114 -22.39 -12.19 7.59
C ARG A 114 -21.88 -13.19 6.58
N ASN A 115 -22.44 -13.19 5.36
CA ASN A 115 -21.81 -13.95 4.28
C ASN A 115 -20.39 -13.46 4.02
N SER A 116 -20.22 -12.15 3.90
CA SER A 116 -18.88 -11.59 3.73
C SER A 116 -17.97 -11.94 4.90
N GLU A 117 -18.52 -11.97 6.11
CA GLU A 117 -17.75 -12.38 7.27
C GLU A 117 -17.27 -13.82 7.11
N ALA A 118 -18.21 -14.76 6.98
CA ALA A 118 -17.84 -16.17 6.87
C ALA A 118 -16.96 -16.43 5.65
N ALA A 119 -17.15 -15.66 4.58
CA ALA A 119 -16.35 -15.89 3.38
C ALA A 119 -14.97 -15.26 3.50
N MET A 120 -14.87 -14.10 4.14
CA MET A 120 -13.55 -13.51 4.39
C MET A 120 -12.71 -14.44 5.25
N LEU A 121 -13.31 -15.01 6.29
CA LEU A 121 -12.59 -16.02 7.08
C LEU A 121 -12.20 -17.22 6.22
N GLN A 122 -13.11 -17.64 5.33
CA GLN A 122 -12.83 -18.80 4.48
C GLN A 122 -11.64 -18.53 3.58
N GLU A 123 -11.66 -17.41 2.85
CA GLU A 123 -10.56 -17.07 1.96
C GLU A 123 -9.26 -16.90 2.73
N LEU A 124 -9.31 -16.18 3.86
CA LEU A 124 -8.10 -15.97 4.66
C LEU A 124 -7.56 -17.30 5.17
N ASN A 125 -8.44 -18.16 5.70
CA ASN A 125 -8.00 -19.45 6.21
C ASN A 125 -7.40 -20.32 5.11
N PHE A 126 -7.90 -20.18 3.88
CA PHE A 126 -7.29 -20.92 2.77
C PHE A 126 -5.91 -20.37 2.43
N GLY A 127 -5.71 -19.06 2.60
CA GLY A 127 -4.39 -18.50 2.37
C GLY A 127 -3.37 -19.02 3.37
N ALA A 128 -3.75 -19.05 4.66
CA ALA A 128 -2.87 -19.64 5.66
C ALA A 128 -2.70 -21.14 5.44
N TYR A 129 -3.73 -21.81 4.92
CA TYR A 129 -3.61 -23.22 4.58
C TYR A 129 -2.52 -23.44 3.53
N LEU A 130 -2.42 -22.53 2.56
CA LEU A 130 -1.44 -22.62 1.50
C LEU A 130 -0.09 -22.03 1.88
N GLY A 131 0.02 -21.40 3.05
CA GLY A 131 1.26 -20.76 3.44
C GLY A 131 1.64 -19.58 2.56
N LEU A 132 0.66 -18.87 2.03
CA LEU A 132 0.96 -17.75 1.15
C LEU A 132 1.70 -16.66 1.92
N PRO A 133 2.67 -15.99 1.30
CA PRO A 133 3.41 -14.94 2.02
C PRO A 133 2.63 -13.65 2.17
N ALA A 134 1.65 -13.38 1.31
CA ALA A 134 0.93 -12.12 1.35
C ALA A 134 -0.48 -12.31 0.82
N PHE A 135 -1.40 -11.51 1.36
CA PHE A 135 -2.81 -11.53 1.00
C PHE A 135 -3.27 -10.10 0.74
N LEU A 136 -3.96 -9.88 -0.37
CA LEU A 136 -4.41 -8.56 -0.76
C LEU A 136 -5.85 -8.32 -0.31
N LEU A 137 -6.08 -7.20 0.35
CA LEU A 137 -7.38 -6.78 0.85
C LEU A 137 -7.65 -5.35 0.42
N PRO A 138 -8.88 -5.04 -0.02
CA PRO A 138 -9.17 -3.71 -0.54
C PRO A 138 -9.63 -2.73 0.53
N LEU A 139 -9.12 -1.50 0.43
CA LEU A 139 -9.58 -0.35 1.20
C LEU A 139 -10.15 0.65 0.22
N ASN A 140 -11.38 0.42 -0.21
CA ASN A 140 -12.01 1.22 -1.25
C ASN A 140 -13.15 2.09 -0.74
N GLN A 141 -13.38 2.12 0.57
CA GLN A 141 -14.38 3.02 1.14
C GLN A 141 -13.87 3.49 2.50
N GLU A 142 -14.68 4.34 3.16
CA GLU A 142 -14.25 4.92 4.43
C GLU A 142 -14.37 3.94 5.57
N ASP A 143 -15.47 3.20 5.64
CA ASP A 143 -15.77 2.32 6.77
C ASP A 143 -15.37 0.90 6.43
N ASN A 144 -14.30 0.43 7.07
CA ASN A 144 -13.87 -0.96 7.01
C ASN A 144 -13.74 -1.52 8.42
N THR A 145 -14.63 -1.09 9.31
CA THR A 145 -14.54 -1.45 10.72
C THR A 145 -14.81 -2.93 10.92
N ASN A 146 -15.94 -3.43 10.42
CA ASN A 146 -16.22 -4.85 10.46
C ASN A 146 -15.19 -5.64 9.65
N LEU A 147 -14.68 -5.04 8.58
CA LEU A 147 -13.58 -5.66 7.84
C LEU A 147 -12.35 -5.86 8.72
N ALA A 148 -11.95 -4.79 9.45
CA ALA A 148 -10.74 -4.83 10.28
C ALA A 148 -10.82 -5.88 11.35
N ARG A 149 -12.04 -6.07 11.86
CA ARG A 149 -12.37 -7.03 12.94
C ARG A 149 -12.20 -8.52 12.66
N VAL A 150 -12.75 -8.93 11.53
CA VAL A 150 -12.67 -10.29 11.07
C VAL A 150 -11.20 -10.54 10.81
N LEU A 151 -10.54 -9.56 10.22
CA LEU A 151 -9.13 -9.70 9.92
C LEU A 151 -8.34 -9.85 11.18
N THR A 152 -8.67 -9.05 12.17
CA THR A 152 -7.96 -9.11 13.42
C THR A 152 -8.15 -10.47 14.08
N ASN A 153 -9.36 -11.00 14.05
CA ASN A 153 -9.60 -12.29 14.67
C ASN A 153 -8.76 -13.32 14.00
N HIS A 154 -8.66 -13.21 12.70
CA HIS A 154 -7.85 -14.16 11.94
C HIS A 154 -6.38 -14.02 12.30
N ILE A 155 -5.92 -12.80 12.56
CA ILE A 155 -4.54 -12.60 13.01
C ILE A 155 -4.33 -13.23 14.38
N HIS A 156 -5.35 -13.16 15.24
CA HIS A 156 -5.25 -13.64 16.61
C HIS A 156 -5.73 -15.09 16.78
N THR A 157 -6.04 -15.79 15.70
CA THR A 157 -6.34 -17.21 15.80
C THR A 157 -5.05 -18.03 15.86
N GLY A 158 -4.24 -17.94 14.82
CA GLY A 158 -2.94 -18.59 14.82
C GLY A 158 -1.81 -17.58 14.91
N HIS A 159 -0.63 -18.04 15.30
CA HIS A 159 0.56 -17.20 15.39
C HIS A 159 1.37 -17.39 14.12
N HIS A 160 1.17 -16.50 13.15
CA HIS A 160 1.79 -16.61 11.84
C HIS A 160 2.50 -15.31 11.49
N SER A 161 3.26 -15.35 10.40
CA SER A 161 4.05 -14.21 9.95
C SER A 161 3.66 -13.70 8.57
N SER A 162 2.63 -14.28 7.95
CA SER A 162 2.19 -13.82 6.65
C SER A 162 1.76 -12.36 6.71
N MET A 163 2.02 -11.65 5.62
CA MET A 163 1.66 -10.24 5.56
C MET A 163 0.29 -10.07 4.89
N PHE A 164 -0.35 -8.95 5.19
CA PHE A 164 -1.63 -8.57 4.62
C PHE A 164 -1.44 -7.22 3.94
N TRP A 165 -1.57 -7.20 2.62
CA TRP A 165 -1.40 -5.99 1.84
C TRP A 165 -2.77 -5.36 1.63
N MET A 166 -2.97 -4.18 2.21
CA MET A 166 -4.21 -3.43 2.04
C MET A 166 -4.07 -2.55 0.80
N ARG A 167 -4.89 -2.81 -0.22
CA ARG A 167 -4.94 -1.90 -1.37
C ARG A 167 -5.61 -0.61 -0.94
N VAL A 168 -4.86 0.49 -0.99
CA VAL A 168 -5.43 1.82 -0.81
C VAL A 168 -4.92 2.69 -1.95
N PRO A 169 -5.83 3.32 -2.67
CA PRO A 169 -5.34 4.14 -3.77
C PRO A 169 -4.94 5.50 -3.26
N LEU A 170 -4.07 6.17 -4.01
CA LEU A 170 -3.62 7.50 -3.67
C LEU A 170 -4.78 8.46 -3.70
N VAL A 171 -5.64 8.31 -4.70
CA VAL A 171 -6.82 9.13 -4.84
C VAL A 171 -8.03 8.19 -4.84
N ALA A 172 -9.04 8.55 -4.07
CA ALA A 172 -10.23 7.74 -3.99
C ALA A 172 -11.00 7.66 -5.30
N PRO A 173 -11.74 6.59 -5.52
CA PRO A 173 -12.49 6.48 -6.78
C PRO A 173 -13.53 7.57 -6.98
N GLU A 174 -14.04 8.15 -5.89
CA GLU A 174 -15.00 9.23 -6.01
C GLU A 174 -14.33 10.53 -6.47
N ASP A 175 -13.06 10.73 -6.11
CA ASP A 175 -12.34 11.96 -6.43
C ASP A 175 -11.59 11.88 -7.74
N LEU A 176 -11.66 10.73 -8.44
CA LEU A 176 -11.04 10.58 -9.75
C LEU A 176 -12.05 10.48 -10.88
N ARG A 177 -13.33 10.26 -10.57
CA ARG A 177 -14.33 10.01 -11.60
C ARG A 177 -14.40 11.17 -12.58
N ASP A 178 -14.67 10.83 -13.84
CA ASP A 178 -14.83 11.86 -14.86
C ASP A 178 -16.01 12.77 -14.52
N ASP A 179 -15.84 14.06 -14.79
CA ASP A 179 -16.91 15.03 -14.59
C ASP A 179 -17.89 14.98 -15.78
N ILE A 180 -18.53 13.83 -15.94
CA ILE A 180 -19.43 13.58 -17.06
C ILE A 180 -20.85 13.31 -16.58
N ILE A 181 -21.17 13.63 -15.33
CA ILE A 181 -22.53 13.53 -14.81
C ILE A 181 -23.13 14.93 -14.80
N GLU A 182 -24.27 15.09 -15.46
CA GLU A 182 -24.88 16.41 -15.55
C GLU A 182 -25.22 16.97 -14.17
N ASN A 183 -25.96 16.20 -13.37
CA ASN A 183 -26.51 16.68 -12.12
C ASN A 183 -25.64 16.39 -10.90
N ALA A 184 -24.50 15.74 -11.07
CA ALA A 184 -23.56 15.46 -9.98
C ALA A 184 -22.16 15.84 -10.42
N PRO A 185 -21.88 17.13 -10.53
CA PRO A 185 -20.53 17.55 -10.94
C PRO A 185 -19.52 17.32 -9.83
N THR A 186 -18.31 16.94 -10.23
CA THR A 186 -17.23 16.78 -9.27
C THR A 186 -16.92 18.11 -8.60
N THR A 187 -16.46 18.06 -7.35
CA THR A 187 -16.14 19.26 -6.61
C THR A 187 -14.80 19.81 -7.08
N HIS A 188 -14.82 21.01 -7.66
CA HIS A 188 -13.64 21.64 -8.22
C HIS A 188 -12.80 22.34 -7.17
N THR A 189 -13.31 22.49 -5.96
CA THR A 189 -12.62 23.19 -4.89
C THR A 189 -11.50 22.33 -4.31
N GLU A 190 -10.68 22.96 -3.46
CA GLU A 190 -9.58 22.28 -2.78
C GLU A 190 -10.05 21.83 -1.41
N GLU A 191 -10.17 20.52 -1.24
CA GLU A 191 -10.50 19.92 0.06
C GLU A 191 -9.21 19.36 0.65
N TYR A 192 -8.45 20.26 1.29
CA TYR A 192 -7.09 19.93 1.72
C TYR A 192 -7.06 18.64 2.54
N SER A 193 -7.97 18.50 3.50
CA SER A 193 -8.07 17.27 4.26
C SER A 193 -8.89 16.21 3.54
N GLY A 194 -9.79 16.61 2.63
CA GLY A 194 -10.53 15.66 1.83
C GLY A 194 -9.72 15.02 0.72
N GLU A 195 -8.67 15.70 0.24
CA GLU A 195 -7.75 15.09 -0.70
C GLU A 195 -6.87 14.03 -0.02
N GLU A 196 -6.78 14.05 1.31
CA GLU A 196 -6.04 13.06 2.08
C GLU A 196 -6.94 11.96 2.62
N LYS A 197 -8.12 11.78 2.04
CA LYS A 197 -9.13 10.94 2.68
C LYS A 197 -8.76 9.46 2.65
N THR A 198 -8.02 9.01 1.64
CA THR A 198 -7.66 7.60 1.59
C THR A 198 -6.65 7.24 2.68
N TRP A 199 -5.80 8.19 3.06
CA TRP A 199 -4.90 7.94 4.18
C TRP A 199 -5.68 7.72 5.47
N MET A 200 -6.78 8.47 5.65
CA MET A 200 -7.63 8.28 6.81
C MET A 200 -8.27 6.89 6.79
N TRP A 201 -8.60 6.38 5.61
CA TRP A 201 -9.09 5.01 5.51
C TRP A 201 -8.05 4.03 6.07
N TRP A 202 -6.80 4.21 5.68
CA TRP A 202 -5.73 3.32 6.15
C TRP A 202 -5.46 3.53 7.64
N HIS A 203 -5.32 4.79 8.06
CA HIS A 203 -4.98 5.08 9.46
C HIS A 203 -6.03 4.54 10.41
N ASN A 204 -7.31 4.76 10.09
CA ASN A 204 -8.37 4.24 10.93
C ASN A 204 -8.40 2.72 10.93
N PHE A 205 -8.05 2.10 9.81
CA PHE A 205 -8.07 0.64 9.73
C PHE A 205 -7.01 0.04 10.63
N ARG A 206 -5.76 0.51 10.52
CA ARG A 206 -4.67 -0.07 11.31
C ARG A 206 -4.83 0.25 12.80
N THR A 207 -5.31 1.46 13.12
CA THR A 207 -5.52 1.81 14.52
C THR A 207 -6.56 0.91 15.15
N LEU A 208 -7.60 0.54 14.38
CA LEU A 208 -8.52 -0.49 14.84
C LEU A 208 -7.82 -1.82 15.04
N CYS A 209 -6.91 -2.17 14.13
CA CYS A 209 -6.16 -3.41 14.21
C CYS A 209 -4.96 -3.32 15.15
N ASP A 210 -4.83 -2.22 15.88
CA ASP A 210 -3.81 -2.07 16.93
C ASP A 210 -2.40 -2.24 16.39
N TYR A 211 -2.15 -1.69 15.19
CA TYR A 211 -0.80 -1.61 14.62
C TYR A 211 -0.16 -2.99 14.47
N SER A 212 -0.91 -3.93 13.92
CA SER A 212 -0.39 -5.27 13.69
C SER A 212 0.74 -5.22 12.66
N LYS A 213 1.84 -5.90 12.97
CA LYS A 213 2.98 -5.93 12.05
C LYS A 213 2.69 -6.70 10.77
N ARG A 214 1.60 -7.46 10.72
CA ARG A 214 1.25 -8.24 9.54
C ARG A 214 0.43 -7.44 8.53
N ILE A 215 0.12 -6.18 8.81
CA ILE A 215 -0.73 -5.36 7.96
C ILE A 215 0.12 -4.23 7.40
N ALA A 216 0.28 -4.23 6.08
CA ALA A 216 1.07 -3.22 5.38
C ALA A 216 0.24 -2.62 4.24
N VAL A 217 0.81 -1.62 3.59
CA VAL A 217 0.10 -0.82 2.60
C VAL A 217 0.52 -1.25 1.20
N ALA A 218 -0.47 -1.48 0.33
CA ALA A 218 -0.27 -1.67 -1.10
C ALA A 218 -0.84 -0.43 -1.77
N LEU A 219 0.04 0.56 -2.01
CA LEU A 219 -0.40 1.87 -2.51
C LEU A 219 -0.70 1.78 -4.01
N GLU A 220 -1.91 2.13 -4.39
CA GLU A 220 -2.28 2.10 -5.79
C GLU A 220 -2.09 3.45 -6.42
N ILE A 221 -1.29 3.52 -7.47
CA ILE A 221 -1.01 4.76 -8.14
C ILE A 221 -1.99 5.05 -9.28
N GLY A 222 -2.64 6.19 -9.18
CA GLY A 222 -3.62 6.64 -10.14
C GLY A 222 -3.06 7.23 -11.41
N ALA A 223 -3.92 7.35 -12.42
CA ALA A 223 -3.52 7.91 -13.69
C ALA A 223 -3.03 9.32 -13.49
N ASP A 224 -3.76 10.09 -12.71
CA ASP A 224 -3.36 11.44 -12.42
C ASP A 224 -3.05 11.49 -10.95
N LEU A 225 -1.87 12.00 -10.63
CA LEU A 225 -1.44 12.09 -9.25
C LEU A 225 -2.14 13.18 -8.49
N PRO A 226 -2.15 13.07 -7.15
CA PRO A 226 -2.78 14.04 -6.27
C PRO A 226 -1.83 15.15 -5.93
N SER A 227 -2.18 15.93 -4.92
CA SER A 227 -1.33 17.02 -4.49
C SER A 227 -0.11 16.50 -3.77
N ASN A 228 0.94 17.31 -3.72
CA ASN A 228 2.18 16.87 -3.12
C ASN A 228 2.04 16.48 -1.66
N HIS A 229 1.24 17.21 -0.90
CA HIS A 229 1.03 16.87 0.51
C HIS A 229 0.39 15.50 0.67
N VAL A 230 -0.54 15.17 -0.21
CA VAL A 230 -1.20 13.89 -0.19
C VAL A 230 -0.18 12.77 -0.41
N ILE A 231 0.77 12.97 -1.32
CA ILE A 231 1.81 11.97 -1.49
C ILE A 231 2.70 11.92 -0.28
N ASP A 232 2.98 13.08 0.29
CA ASP A 232 3.83 13.18 1.46
C ASP A 232 3.19 12.50 2.63
N ARG A 233 1.87 12.39 2.60
CA ARG A 233 1.14 11.76 3.70
C ARG A 233 1.63 10.35 3.96
N TRP A 234 2.00 9.62 2.91
CA TRP A 234 2.42 8.23 3.03
C TRP A 234 3.90 8.08 3.35
N LEU A 235 4.61 9.19 3.58
CA LEU A 235 5.96 9.08 4.12
C LEU A 235 5.91 8.50 5.52
N GLY A 236 6.78 7.53 5.79
CA GLY A 236 6.81 6.87 7.07
C GLY A 236 5.80 5.76 7.26
N GLU A 237 4.93 5.52 6.28
CA GLU A 237 3.95 4.46 6.42
C GLU A 237 4.52 3.14 5.92
N PRO A 238 4.09 2.01 6.52
CA PRO A 238 4.61 0.71 6.08
C PRO A 238 4.13 0.32 4.70
N ILE A 239 4.69 0.94 3.67
CA ILE A 239 4.35 0.63 2.28
C ILE A 239 5.23 -0.54 1.85
N LYS A 240 4.62 -1.71 1.65
CA LYS A 240 5.34 -2.86 1.14
C LYS A 240 5.20 -3.03 -0.36
N ALA A 241 4.25 -2.34 -0.99
CA ALA A 241 3.97 -2.54 -2.40
C ALA A 241 3.43 -1.27 -3.02
N ALA A 242 3.71 -1.08 -4.31
CA ALA A 242 3.13 -0.02 -5.11
C ALA A 242 2.45 -0.66 -6.32
N ILE A 243 1.17 -0.33 -6.52
CA ILE A 243 0.40 -0.87 -7.62
C ILE A 243 0.46 0.12 -8.78
N LEU A 244 0.92 -0.34 -9.93
CA LEU A 244 1.02 0.50 -11.13
C LEU A 244 0.09 -0.03 -12.21
N PRO A 245 -1.09 0.57 -12.40
CA PRO A 245 -1.96 0.12 -13.48
C PRO A 245 -1.40 0.49 -14.84
N THR A 246 -1.68 -0.37 -15.83
CA THR A 246 -1.20 -0.14 -17.19
C THR A 246 -1.74 1.17 -17.77
N SER A 247 -2.86 1.67 -17.25
CA SER A 247 -3.47 2.87 -17.82
C SER A 247 -2.62 4.11 -17.59
N ILE A 248 -1.84 4.15 -16.50
CA ILE A 248 -1.05 5.34 -16.18
C ILE A 248 0.18 5.49 -17.06
N PHE A 249 0.47 4.50 -17.90
CA PHE A 249 1.65 4.54 -18.75
C PHE A 249 1.35 5.29 -20.05
N LEU A 250 2.40 5.82 -20.66
CA LEU A 250 2.30 6.58 -21.88
C LEU A 250 2.85 5.77 -23.05
N THR A 251 3.19 6.46 -24.15
CA THR A 251 3.74 5.82 -25.34
C THR A 251 4.78 6.76 -25.93
N ASN A 252 6.05 6.35 -25.90
CA ASN A 252 7.10 7.17 -26.47
C ASN A 252 6.99 7.20 -28.00
N LYS A 253 7.89 7.95 -28.63
CA LYS A 253 7.90 8.03 -30.08
C LYS A 253 8.11 6.66 -30.73
N LYS A 254 8.82 5.75 -30.04
CA LYS A 254 9.04 4.42 -30.56
C LYS A 254 7.85 3.49 -30.35
N GLY A 255 6.92 3.85 -29.46
CA GLY A 255 5.72 3.05 -29.27
C GLY A 255 5.77 2.08 -28.11
N PHE A 256 6.43 2.47 -27.02
CA PHE A 256 6.60 1.62 -25.85
C PHE A 256 6.08 2.35 -24.61
N PRO A 257 5.71 1.60 -23.56
CA PRO A 257 5.16 2.26 -22.36
C PRO A 257 6.22 3.04 -21.60
N VAL A 258 5.84 4.25 -21.18
CA VAL A 258 6.76 5.18 -20.53
C VAL A 258 6.01 5.83 -19.37
N LEU A 259 6.69 6.68 -18.61
CA LEU A 259 6.12 7.39 -17.47
C LEU A 259 6.53 8.85 -17.47
N SER A 260 5.61 9.71 -17.07
CA SER A 260 5.89 11.14 -16.96
C SER A 260 6.92 11.42 -15.88
N LYS A 261 7.52 12.62 -15.94
CA LYS A 261 8.51 13.01 -14.95
C LYS A 261 7.89 13.06 -13.56
N MET A 262 6.67 13.54 -13.46
CA MET A 262 5.99 13.60 -12.19
C MET A 262 5.86 12.20 -11.62
N HIS A 263 5.33 11.29 -12.42
CA HIS A 263 5.17 9.91 -12.01
C HIS A 263 6.51 9.27 -11.73
N GLN A 264 7.49 9.57 -12.56
CA GLN A 264 8.82 8.97 -12.38
C GLN A 264 9.44 9.38 -11.05
N ARG A 265 9.24 10.61 -10.61
CA ARG A 265 9.78 11.06 -9.35
C ARG A 265 9.19 10.23 -8.22
N LEU A 266 7.91 9.95 -8.26
CA LEU A 266 7.25 9.16 -7.25
C LEU A 266 7.84 7.76 -7.20
N ILE A 267 8.10 7.18 -8.36
CA ILE A 267 8.67 5.86 -8.37
C ILE A 267 10.04 5.90 -7.75
N PHE A 268 10.80 6.92 -8.10
CA PHE A 268 12.14 7.07 -7.56
C PHE A 268 12.07 7.14 -6.04
N ARG A 269 11.08 7.85 -5.52
CA ARG A 269 10.89 7.93 -4.09
C ARG A 269 10.62 6.54 -3.54
N LEU A 270 9.77 5.76 -4.20
CA LEU A 270 9.49 4.42 -3.72
C LEU A 270 10.75 3.55 -3.77
N LEU A 271 11.47 3.63 -4.87
CA LEU A 271 12.70 2.85 -5.00
C LEU A 271 13.53 2.96 -3.73
N LYS A 272 13.50 4.13 -3.08
CA LYS A 272 14.26 4.37 -1.87
C LYS A 272 13.75 3.55 -0.69
N LEU A 273 12.45 3.25 -0.67
CA LEU A 273 11.87 2.40 0.37
C LEU A 273 11.97 0.92 0.02
N GLU A 274 12.51 0.59 -1.15
CA GLU A 274 12.67 -0.80 -1.58
C GLU A 274 11.35 -1.55 -1.60
N VAL A 275 10.27 -0.84 -1.98
CA VAL A 275 8.99 -1.51 -2.12
C VAL A 275 9.01 -2.43 -3.32
N GLN A 276 8.11 -3.40 -3.32
CA GLN A 276 7.89 -4.22 -4.50
C GLN A 276 6.92 -3.51 -5.42
N PHE A 277 7.15 -3.64 -6.72
CA PHE A 277 6.39 -2.93 -7.74
C PHE A 277 5.52 -3.91 -8.51
N ILE A 278 4.25 -3.58 -8.66
CA ILE A 278 3.26 -4.54 -9.12
C ILE A 278 2.40 -3.91 -10.22
N ILE A 279 2.30 -4.62 -11.35
CA ILE A 279 1.55 -4.17 -12.52
C ILE A 279 0.17 -4.80 -12.48
N THR A 280 -0.87 -3.99 -12.71
CA THR A 280 -2.23 -4.47 -12.76
C THR A 280 -2.90 -3.97 -14.02
N GLY A 281 -3.98 -4.64 -14.40
CA GLY A 281 -4.73 -4.28 -15.58
C GLY A 281 -4.16 -4.91 -16.82
N THR A 282 -4.87 -4.76 -17.92
CA THR A 282 -4.42 -5.30 -19.19
C THR A 282 -3.40 -4.37 -19.82
N ASN A 283 -2.67 -4.88 -20.80
CA ASN A 283 -1.70 -4.07 -21.51
C ASN A 283 -2.38 -3.77 -22.82
N HIS A 284 -2.39 -2.51 -23.18
CA HIS A 284 -3.09 -2.09 -24.36
C HIS A 284 -2.30 -2.15 -25.64
N HIS A 285 -1.00 -2.33 -25.49
CA HIS A 285 -0.05 -2.39 -26.58
C HIS A 285 -0.05 -3.68 -27.36
N SER A 286 -0.19 -3.60 -28.67
CA SER A 286 -0.12 -4.80 -29.50
C SER A 286 1.26 -5.37 -29.37
N GLU A 287 2.26 -4.50 -29.47
CA GLU A 287 3.66 -4.82 -29.30
C GLU A 287 3.66 -5.50 -27.96
N LYS A 288 2.45 -5.64 -27.43
CA LYS A 288 2.25 -6.44 -26.22
C LYS A 288 3.50 -6.67 -25.37
N GLU A 289 3.49 -7.80 -24.68
CA GLU A 289 4.58 -8.22 -23.77
C GLU A 289 4.73 -7.33 -22.53
N PHE A 290 4.49 -7.93 -21.37
CA PHE A 290 4.55 -7.24 -20.08
C PHE A 290 5.96 -6.90 -19.60
N CYS A 291 6.98 -7.50 -20.21
CA CYS A 291 8.37 -7.25 -19.89
C CYS A 291 8.75 -5.80 -20.15
N SER A 292 8.18 -5.22 -21.20
CA SER A 292 8.43 -3.83 -21.54
C SER A 292 7.97 -2.92 -20.42
N TYR A 293 6.82 -3.22 -19.82
CA TYR A 293 6.33 -2.43 -18.71
C TYR A 293 7.37 -2.56 -17.63
N LEU A 294 7.91 -3.75 -17.42
CA LEU A 294 8.99 -3.87 -16.45
C LEU A 294 10.31 -3.38 -17.02
N GLN A 295 10.53 -3.58 -18.32
CA GLN A 295 11.75 -3.11 -18.95
C GLN A 295 11.97 -1.63 -18.63
N TYR A 296 10.92 -0.83 -18.74
CA TYR A 296 11.00 0.57 -18.31
C TYR A 296 11.18 0.68 -16.81
N LEU A 297 10.42 -0.10 -16.05
CA LEU A 297 10.55 0.01 -14.61
C LEU A 297 11.91 -0.38 -14.09
N GLU A 298 12.43 -1.51 -14.56
CA GLU A 298 13.74 -1.94 -14.10
C GLU A 298 14.71 -0.92 -14.60
N TYR A 299 14.45 -0.49 -15.83
CA TYR A 299 15.30 0.48 -16.48
C TYR A 299 15.51 1.69 -15.59
N LEU A 300 14.44 2.10 -14.90
CA LEU A 300 14.49 3.24 -14.01
C LEU A 300 15.47 3.05 -12.86
N SER A 301 15.56 1.83 -12.34
CA SER A 301 16.44 1.55 -11.22
C SER A 301 17.89 1.84 -11.58
N GLN A 302 18.29 1.46 -12.79
CA GLN A 302 19.64 1.73 -13.26
C GLN A 302 19.88 3.23 -13.34
N ASN A 303 18.89 3.94 -13.84
CA ASN A 303 18.98 5.37 -13.98
C ASN A 303 19.15 6.01 -12.61
N ARG A 304 18.47 5.51 -11.59
CA ARG A 304 18.64 6.08 -10.26
C ARG A 304 20.10 5.85 -9.93
N PRO A 305 20.78 6.89 -9.44
CA PRO A 305 22.22 6.80 -9.17
C PRO A 305 22.64 5.80 -8.09
N PRO A 306 23.63 4.97 -8.40
CA PRO A 306 24.13 3.99 -7.43
C PRO A 306 25.59 4.29 -7.07
N PRO A 307 25.90 4.37 -5.76
CA PRO A 307 25.08 4.70 -4.59
C PRO A 307 25.05 6.18 -4.23
N ASN A 308 24.56 6.45 -3.02
CA ASN A 308 24.48 7.78 -2.43
C ASN A 308 25.65 7.99 -1.46
N ALA A 309 26.63 7.09 -1.55
CA ALA A 309 27.88 6.98 -0.78
C ALA A 309 27.67 6.50 0.64
N TYR A 310 26.96 7.28 1.44
CA TYR A 310 26.66 6.85 2.80
C TYR A 310 25.75 5.61 2.81
N GLU A 311 24.82 5.59 1.85
CA GLU A 311 23.85 4.53 1.68
C GLU A 311 24.48 3.17 1.40
N LEU A 312 25.60 3.17 0.68
CA LEU A 312 26.28 1.94 0.34
C LEU A 312 26.79 1.19 1.55
N PHE A 313 27.57 1.88 2.36
CA PHE A 313 28.17 1.33 3.56
C PHE A 313 27.24 0.89 4.68
N ALA A 314 26.18 1.66 4.91
CA ALA A 314 25.23 1.40 5.99
C ALA A 314 24.06 0.54 5.59
N LYS A 315 24.15 -0.08 4.42
CA LYS A 315 23.05 -0.91 3.96
C LYS A 315 22.75 -2.02 4.96
N GLY A 316 21.47 -2.24 5.20
CA GLY A 316 21.01 -3.23 6.15
C GLY A 316 20.80 -2.68 7.54
N TYR A 317 21.21 -1.43 7.76
CA TYR A 317 21.02 -0.77 9.03
C TYR A 317 19.78 0.13 8.98
N GLU A 318 19.12 0.16 7.83
CA GLU A 318 17.96 0.98 7.64
C GLU A 318 16.89 0.66 8.66
N ASP A 319 16.47 1.68 9.37
CA ASP A 319 15.43 1.61 10.40
C ASP A 319 15.74 0.53 11.44
N TYR A 320 17.03 0.22 11.64
CA TYR A 320 17.43 -0.83 12.55
C TYR A 320 17.63 -0.25 13.94
N LEU A 321 16.82 -0.69 14.89
CA LEU A 321 16.89 -0.20 16.24
C LEU A 321 18.07 -0.74 17.03
N GLN A 322 18.77 0.16 17.70
CA GLN A 322 19.91 -0.19 18.49
C GLN A 322 19.92 0.62 19.75
N SER A 323 20.61 0.16 20.78
CA SER A 323 20.73 0.94 21.99
C SER A 323 21.94 1.80 21.78
N PRO A 324 21.89 3.05 22.20
CA PRO A 324 23.06 3.90 21.99
C PRO A 324 24.25 3.39 22.76
N LEU A 325 25.43 3.51 22.16
CA LEU A 325 26.66 3.06 22.79
C LEU A 325 26.97 3.90 24.00
N GLN A 326 27.54 3.25 25.00
CA GLN A 326 27.92 3.92 26.22
C GLN A 326 29.31 3.50 26.54
N PRO A 327 30.30 4.16 25.93
CA PRO A 327 31.74 3.94 26.06
C PRO A 327 32.24 4.18 27.46
N LEU A 328 31.59 5.07 28.19
CA LEU A 328 32.00 5.30 29.53
C LEU A 328 31.64 4.10 30.39
N MET A 329 30.36 3.86 30.59
CA MET A 329 29.94 2.79 31.47
C MET A 329 30.47 1.44 31.00
N ASP A 330 30.51 1.23 29.70
CA ASP A 330 30.93 -0.04 29.12
C ASP A 330 32.29 0.11 28.43
N ASN A 331 32.83 -1.03 28.02
CA ASN A 331 34.06 -1.09 27.24
C ASN A 331 33.70 -1.54 25.83
N LEU A 332 34.08 -0.75 24.84
CA LEU A 332 33.72 -1.04 23.45
C LEU A 332 34.54 -2.23 22.93
N GLU A 333 33.90 -3.02 22.07
CA GLU A 333 34.56 -4.18 21.49
C GLU A 333 35.59 -3.74 20.45
N SER A 334 36.39 -4.71 19.99
CA SER A 334 37.45 -4.40 19.03
C SER A 334 36.88 -3.95 17.69
N GLN A 335 35.77 -4.55 17.26
CA GLN A 335 35.25 -4.29 15.92
C GLN A 335 34.37 -3.05 15.84
N THR A 336 33.96 -2.49 16.97
CA THR A 336 33.29 -1.19 16.95
C THR A 336 34.28 -0.05 16.88
N TYR A 337 35.48 -0.24 17.44
CA TYR A 337 36.58 0.67 17.17
C TYR A 337 37.01 0.58 15.71
N GLU A 338 36.86 -0.58 15.09
CA GLU A 338 37.24 -0.76 13.70
C GLU A 338 36.32 0.03 12.77
N VAL A 339 35.03 -0.03 13.03
CA VAL A 339 34.08 0.69 12.20
C VAL A 339 34.22 2.18 12.43
N PHE A 340 34.75 2.56 13.58
CA PHE A 340 34.97 3.96 13.88
C PHE A 340 36.02 4.50 12.93
N GLU A 341 37.06 3.71 12.72
CA GLU A 341 38.19 4.11 11.90
C GLU A 341 38.01 3.98 10.40
N LYS A 342 36.93 3.33 9.98
CA LYS A 342 36.62 3.22 8.57
C LYS A 342 36.06 4.51 7.98
N ASP A 343 36.22 5.63 8.69
CA ASP A 343 35.76 6.94 8.25
C ASP A 343 36.95 7.89 8.30
N PRO A 344 37.68 8.05 7.19
CA PRO A 344 38.79 9.01 7.19
C PRO A 344 38.33 10.44 7.28
N ILE A 345 37.19 10.74 6.69
CA ILE A 345 36.67 12.11 6.67
C ILE A 345 36.52 12.64 8.07
N LYS A 346 36.04 11.79 8.96
CA LYS A 346 35.83 12.20 10.33
C LYS A 346 37.13 12.59 11.00
N TYR A 347 38.19 11.84 10.75
CA TYR A 347 39.46 12.15 11.38
C TYR A 347 40.17 13.29 10.71
N SER A 348 39.92 13.46 9.42
CA SER A 348 40.54 14.59 8.73
C SER A 348 40.14 15.90 9.38
N GLN A 349 38.88 16.04 9.77
CA GLN A 349 38.44 17.26 10.43
C GLN A 349 39.19 17.44 11.73
N TYR A 350 39.36 16.36 12.48
CA TYR A 350 40.09 16.42 13.73
C TYR A 350 41.55 16.77 13.44
N GLN A 351 42.10 16.16 12.41
CA GLN A 351 43.46 16.41 12.02
C GLN A 351 43.63 17.87 11.67
N GLN A 352 42.70 18.39 10.90
CA GLN A 352 42.74 19.78 10.49
C GLN A 352 42.54 20.74 11.63
N ALA A 353 41.66 20.42 12.55
CA ALA A 353 41.40 21.30 13.68
C ALA A 353 42.64 21.45 14.51
N ILE A 354 43.33 20.34 14.75
CA ILE A 354 44.56 20.35 15.51
C ILE A 354 45.60 21.15 14.76
N TYR A 355 45.66 20.93 13.46
CA TYR A 355 46.59 21.59 12.59
C TYR A 355 46.44 23.08 12.73
N LYS A 356 45.23 23.55 12.49
CA LYS A 356 44.97 24.97 12.53
C LYS A 356 45.31 25.53 13.89
N CYS A 357 44.94 24.80 14.92
CA CYS A 357 45.19 25.20 16.29
C CYS A 357 46.67 25.30 16.62
N LEU A 358 47.46 24.37 16.11
CA LEU A 358 48.86 24.38 16.43
C LEU A 358 49.55 25.65 15.97
N LEU A 359 49.23 26.05 14.75
CA LEU A 359 49.81 27.25 14.17
C LEU A 359 49.42 28.46 14.97
N ASP A 360 48.18 28.47 15.44
CA ASP A 360 47.64 29.60 16.18
C ASP A 360 48.36 29.82 17.50
N ARG A 361 48.83 28.75 18.14
CA ARG A 361 49.34 28.84 19.50
C ARG A 361 50.83 29.17 19.55
N VAL A 362 51.61 28.63 18.62
CA VAL A 362 53.06 28.82 18.59
C VAL A 362 53.42 29.50 17.27
N PRO A 363 54.15 30.61 17.29
CA PRO A 363 54.54 31.30 16.06
C PRO A 363 55.69 30.58 15.36
N GLU A 364 56.11 31.16 14.23
CA GLU A 364 57.13 30.53 13.39
C GLU A 364 58.50 30.56 14.05
N GLU A 365 58.80 31.58 14.83
CA GLU A 365 60.10 31.69 15.48
C GLU A 365 60.19 30.83 16.73
N GLU A 366 59.06 30.58 17.39
CA GLU A 366 58.99 29.67 18.53
C GLU A 366 58.76 28.23 18.10
N LYS A 367 58.92 27.94 16.80
CA LYS A 367 58.47 26.66 16.26
C LYS A 367 59.21 25.48 16.89
N ASP A 368 60.53 25.54 16.91
CA ASP A 368 61.34 24.42 17.38
C ASP A 368 61.75 24.56 18.84
N THR A 369 61.22 25.55 19.56
CA THR A 369 61.51 25.69 20.98
C THR A 369 60.30 25.36 21.84
N ASN A 370 59.11 25.66 21.35
CA ASN A 370 57.86 25.49 22.09
C ASN A 370 57.22 24.18 21.64
N VAL A 371 57.34 23.16 22.46
CA VAL A 371 56.65 21.89 22.23
C VAL A 371 55.30 21.96 22.92
N GLN A 372 54.28 21.41 22.27
CA GLN A 372 52.92 21.51 22.76
C GLN A 372 52.47 20.20 23.39
N VAL A 373 51.86 20.30 24.56
CA VAL A 373 51.28 19.13 25.22
C VAL A 373 49.90 18.89 24.64
N LEU A 374 49.76 17.81 23.87
CA LEU A 374 48.48 17.38 23.35
C LEU A 374 48.03 16.14 24.10
N MET A 375 46.74 16.05 24.34
CA MET A 375 46.18 14.96 25.14
C MET A 375 44.93 14.45 24.45
N VAL A 376 44.97 13.22 23.97
CA VAL A 376 43.79 12.66 23.37
C VAL A 376 43.08 12.00 24.50
N LEU A 377 41.99 12.58 24.99
CA LEU A 377 41.28 11.98 26.08
C LEU A 377 40.33 11.01 25.45
N GLY A 378 40.53 9.73 25.68
CA GLY A 378 39.69 8.73 25.08
C GLY A 378 40.22 8.34 23.73
N ALA A 379 41.46 7.87 23.74
CA ALA A 379 42.17 7.45 22.54
C ALA A 379 41.68 6.21 21.80
N GLY A 380 40.92 5.34 22.45
CA GLY A 380 40.46 4.14 21.79
C GLY A 380 41.66 3.33 21.34
N ARG A 381 41.69 2.98 20.06
CA ARG A 381 42.85 2.32 19.46
C ARG A 381 43.78 3.32 18.77
N GLY A 382 43.59 4.61 19.03
CA GLY A 382 44.51 5.63 18.62
C GLY A 382 44.39 6.20 17.21
N PRO A 383 43.18 6.52 16.78
CA PRO A 383 43.12 7.14 15.46
C PRO A 383 43.37 8.62 15.68
N LEU A 384 42.87 9.14 16.79
CA LEU A 384 43.05 10.52 17.16
C LEU A 384 44.50 10.83 17.44
N VAL A 385 45.20 9.89 18.05
CA VAL A 385 46.61 10.11 18.36
C VAL A 385 47.45 10.17 17.08
N ASN A 386 47.08 9.38 16.09
CA ASN A 386 47.79 9.42 14.82
C ASN A 386 47.42 10.66 14.01
N ALA A 387 46.13 11.02 14.00
CA ALA A 387 45.73 12.26 13.35
C ALA A 387 46.40 13.46 14.00
N SER A 388 46.59 13.41 15.33
CA SER A 388 47.35 14.45 16.00
C SER A 388 48.81 14.44 15.58
N LEU A 389 49.33 13.27 15.19
CA LEU A 389 50.71 13.22 14.69
C LEU A 389 50.81 13.79 13.29
N ARG A 390 49.89 13.40 12.39
CA ARG A 390 49.90 13.94 11.04
C ARG A 390 49.66 15.44 11.02
N ALA A 391 48.87 15.95 11.98
CA ALA A 391 48.63 17.39 12.05
C ALA A 391 49.91 18.14 12.42
N ALA A 392 50.69 17.60 13.37
CA ALA A 392 51.91 18.26 13.78
C ALA A 392 52.95 18.26 12.67
N LYS A 393 53.01 17.19 11.89
CA LYS A 393 53.99 17.11 10.81
C LYS A 393 53.73 18.17 9.75
N GLN A 394 52.50 18.24 9.23
CA GLN A 394 52.16 19.22 8.22
C GLN A 394 52.10 20.64 8.77
N ALA A 395 52.05 20.81 10.08
CA ALA A 395 52.12 22.13 10.69
C ALA A 395 53.55 22.53 11.05
N ASP A 396 54.48 21.58 11.04
CA ASP A 396 55.89 21.83 11.37
C ASP A 396 56.02 22.46 12.76
N ARG A 397 55.29 21.92 13.73
CA ARG A 397 55.42 22.30 15.12
C ARG A 397 55.57 21.05 15.95
N ARG A 398 56.26 21.18 17.09
CA ARG A 398 56.62 20.02 17.89
C ARG A 398 55.59 19.79 18.99
N ILE A 399 55.25 18.51 19.20
CA ILE A 399 54.16 18.12 20.09
C ILE A 399 54.63 17.02 21.03
N LYS A 400 54.24 17.12 22.29
CA LYS A 400 54.28 16.01 23.23
C LYS A 400 52.86 15.49 23.38
N LEU A 401 52.69 14.18 23.27
CA LEU A 401 51.35 13.64 23.13
C LEU A 401 51.09 12.62 24.23
N TYR A 402 49.98 12.80 24.94
CA TYR A 402 49.47 11.83 25.91
C TYR A 402 48.25 11.14 25.33
N ALA A 403 48.27 9.81 25.31
CA ALA A 403 47.13 9.01 24.86
C ALA A 403 46.44 8.42 26.08
N VAL A 404 45.30 8.99 26.45
CA VAL A 404 44.59 8.64 27.68
C VAL A 404 43.39 7.79 27.30
N GLU A 405 43.30 6.59 27.88
CA GLU A 405 42.20 5.67 27.59
C GLU A 405 41.91 4.85 28.84
N LYS A 406 40.62 4.71 29.15
CA LYS A 406 40.20 3.97 30.34
C LYS A 406 39.82 2.52 30.05
N ASN A 407 39.52 2.19 28.80
CA ASN A 407 39.17 0.83 28.41
C ASN A 407 40.44 -0.02 28.36
N PRO A 408 40.66 -0.90 29.34
CA PRO A 408 41.94 -1.63 29.41
C PRO A 408 42.23 -2.47 28.18
N ASN A 409 41.19 -2.94 27.49
CA ASN A 409 41.40 -3.80 26.33
C ASN A 409 41.93 -3.01 25.14
N ALA A 410 41.42 -1.79 24.94
CA ALA A 410 41.94 -0.94 23.87
C ALA A 410 43.33 -0.43 24.18
N VAL A 411 43.68 -0.33 25.47
CA VAL A 411 45.02 0.09 25.86
C VAL A 411 46.06 -0.89 25.33
N VAL A 412 45.72 -2.17 25.23
CA VAL A 412 46.66 -3.16 24.71
C VAL A 412 47.05 -2.83 23.28
N THR A 413 46.08 -2.40 22.47
CA THR A 413 46.40 -1.93 21.13
C THR A 413 47.33 -0.71 21.16
N LEU A 414 47.09 0.21 22.09
CA LEU A 414 47.90 1.43 22.16
C LEU A 414 49.34 1.11 22.52
N GLU A 415 49.55 0.34 23.59
CA GLU A 415 50.90 0.06 24.05
C GLU A 415 51.69 -0.77 23.04
N ASN A 416 51.03 -1.68 22.33
CA ASN A 416 51.69 -2.37 21.23
C ASN A 416 52.09 -1.41 20.13
N TRP A 417 51.40 -0.28 20.04
CA TRP A 417 51.56 0.55 18.86
C TRP A 417 52.44 1.76 19.20
N GLN A 418 52.56 2.05 20.50
CA GLN A 418 53.60 2.93 21.02
C GLN A 418 54.97 2.27 20.93
N PHE A 419 55.06 1.00 21.31
CA PHE A 419 56.36 0.32 21.30
C PHE A 419 56.87 0.12 19.87
N GLU A 420 55.99 -0.35 18.98
CA GLU A 420 56.45 -0.71 17.65
C GLU A 420 56.80 0.51 16.81
N GLU A 421 56.05 1.61 16.94
CA GLU A 421 56.24 2.69 15.99
C GLU A 421 56.17 4.10 16.55
N TRP A 422 55.20 4.40 17.43
CA TRP A 422 55.14 5.75 17.99
C TRP A 422 56.40 6.08 18.77
N GLY A 423 56.75 5.23 19.73
CA GLY A 423 57.90 5.50 20.57
C GLY A 423 57.55 6.39 21.74
N SER A 424 58.54 7.15 22.20
CA SER A 424 58.41 7.98 23.40
C SER A 424 57.72 9.31 23.13
N GLN A 425 57.28 9.59 21.91
CA GLN A 425 56.48 10.78 21.67
C GLN A 425 55.07 10.62 22.18
N VAL A 426 54.57 9.39 22.24
CA VAL A 426 53.22 9.09 22.70
C VAL A 426 53.32 8.36 24.04
N THR A 427 52.77 8.97 25.08
CA THR A 427 52.70 8.34 26.40
C THR A 427 51.28 7.81 26.59
N VAL A 428 51.17 6.49 26.77
CA VAL A 428 49.87 5.85 26.93
C VAL A 428 49.52 5.84 28.42
N VAL A 429 48.36 6.40 28.75
CA VAL A 429 47.87 6.47 30.12
C VAL A 429 46.62 5.60 30.23
N SER A 430 46.65 4.63 31.15
CA SER A 430 45.54 3.71 31.37
C SER A 430 44.82 4.13 32.65
N SER A 431 43.83 5.02 32.51
CA SER A 431 43.05 5.48 33.64
C SER A 431 41.85 6.27 33.12
N ASP A 432 40.95 6.60 34.03
CA ASP A 432 39.85 7.50 33.73
C ASP A 432 40.34 8.94 33.76
N MET A 433 39.95 9.72 32.75
CA MET A 433 40.43 11.10 32.65
C MET A 433 39.95 11.97 33.79
N ARG A 434 38.82 11.60 34.44
CA ARG A 434 38.39 12.33 35.61
C ARG A 434 39.28 12.05 36.82
N GLU A 435 39.82 10.83 36.91
CA GLU A 435 40.72 10.47 38.01
C GLU A 435 42.15 10.89 37.72
N TRP A 436 42.59 10.76 36.47
CA TRP A 436 44.01 10.77 36.14
C TRP A 436 44.69 12.06 36.59
N VAL A 437 45.80 11.91 37.30
CA VAL A 437 46.64 13.03 37.67
C VAL A 437 47.67 13.26 36.57
N ALA A 438 47.73 14.48 36.05
CA ALA A 438 48.64 14.57 34.92
C ALA A 438 49.96 15.18 35.33
N PRO A 439 51.07 14.66 34.80
CA PRO A 439 52.37 15.30 35.10
C PRO A 439 52.50 16.69 34.50
N GLU A 440 51.95 16.90 33.30
CA GLU A 440 52.06 18.17 32.60
C GLU A 440 50.67 18.75 32.36
N LYS A 441 50.62 20.07 32.19
CA LYS A 441 49.37 20.73 31.84
C LYS A 441 49.16 20.67 30.33
N ALA A 442 47.91 20.69 29.93
CA ALA A 442 47.53 20.44 28.53
C ALA A 442 47.57 21.73 27.73
N ASP A 443 48.35 21.73 26.65
CA ASP A 443 48.21 22.78 25.65
C ASP A 443 46.89 22.61 24.88
N ILE A 444 46.61 21.39 24.44
CA ILE A 444 45.34 21.06 23.78
C ILE A 444 44.88 19.70 24.30
N ILE A 445 43.58 19.53 24.56
CA ILE A 445 43.04 18.25 24.90
C ILE A 445 42.19 17.89 23.70
N VAL A 446 42.22 16.66 23.23
CA VAL A 446 41.42 16.29 22.08
C VAL A 446 40.47 15.17 22.48
N SER A 447 39.18 15.36 22.23
CA SER A 447 38.19 14.37 22.61
C SER A 447 37.28 13.92 21.48
N GLU A 448 36.94 12.64 21.50
CA GLU A 448 36.07 12.00 20.53
C GLU A 448 34.82 11.48 21.21
N LEU A 449 34.54 12.00 22.38
CA LEU A 449 33.45 11.54 23.23
C LEU A 449 32.02 11.74 22.80
N LEU A 450 31.77 12.58 21.80
CA LEU A 450 30.40 12.84 21.39
C LEU A 450 29.64 11.66 20.83
N GLY A 451 28.37 11.58 21.22
CA GLY A 451 27.46 10.57 20.78
C GLY A 451 26.57 11.11 19.69
N SER A 452 25.56 10.35 19.32
CA SER A 452 24.59 10.75 18.31
C SER A 452 23.85 11.99 18.70
N PHE A 453 23.49 12.11 19.96
CA PHE A 453 22.79 13.27 20.45
C PHE A 453 23.77 14.15 21.20
N ALA A 454 24.98 14.27 20.64
CA ALA A 454 26.11 15.02 21.17
C ALA A 454 26.51 14.55 22.55
N ASP A 455 25.80 15.01 23.57
CA ASP A 455 26.21 14.83 24.96
C ASP A 455 25.67 13.54 25.59
N ASN A 456 25.02 12.68 24.81
CA ASN A 456 24.46 11.48 25.42
C ASN A 456 25.50 10.50 25.90
N GLU A 457 26.76 10.80 25.65
CA GLU A 457 27.83 9.93 26.09
C GLU A 457 28.58 10.46 27.26
N LEU A 458 28.01 11.48 27.88
CA LEU A 458 28.54 12.19 29.03
C LEU A 458 29.83 12.93 28.78
N SER A 459 30.09 13.26 27.51
CA SER A 459 31.26 14.08 27.20
C SER A 459 31.37 15.33 28.07
N PRO A 460 30.27 16.04 28.43
CA PRO A 460 30.41 17.18 29.36
C PRO A 460 31.10 16.80 30.67
N GLU A 461 30.53 15.83 31.39
CA GLU A 461 31.06 15.46 32.70
C GLU A 461 32.50 14.98 32.59
N CYS A 462 32.79 14.17 31.57
CA CYS A 462 34.17 13.72 31.35
C CYS A 462 35.10 14.91 31.19
N LEU A 463 34.90 15.69 30.12
CA LEU A 463 35.80 16.82 29.86
C LEU A 463 35.81 17.81 31.00
N ASP A 464 34.72 17.90 31.77
CA ASP A 464 34.69 18.81 32.92
C ASP A 464 35.71 18.40 33.97
N GLY A 465 35.66 17.15 34.41
CA GLY A 465 36.61 16.66 35.39
C GLY A 465 38.04 16.58 34.90
N ALA A 466 38.27 16.80 33.61
CA ALA A 466 39.60 16.77 33.03
C ALA A 466 40.13 18.16 32.71
N GLN A 467 39.34 19.20 32.94
CA GLN A 467 39.81 20.57 32.71
C GLN A 467 40.95 20.95 33.62
N HIS A 468 41.09 20.28 34.76
CA HIS A 468 42.05 20.73 35.77
C HIS A 468 43.49 20.57 35.30
N PHE A 469 43.76 19.64 34.39
CA PHE A 469 45.10 19.52 33.81
C PHE A 469 45.19 20.15 32.42
N LEU A 470 44.19 20.94 32.04
CA LEU A 470 44.27 21.81 30.87
C LEU A 470 44.62 23.21 31.35
N LYS A 471 45.72 23.77 30.83
CA LYS A 471 46.19 25.06 31.31
C LYS A 471 45.17 26.17 31.01
N ASP A 472 45.44 27.35 31.56
CA ASP A 472 44.44 28.41 31.57
C ASP A 472 44.12 28.93 30.16
N ASP A 473 45.08 28.86 29.24
CA ASP A 473 44.85 29.24 27.86
C ASP A 473 44.80 28.03 26.93
N GLY A 474 44.38 26.88 27.47
CA GLY A 474 44.36 25.66 26.69
C GLY A 474 43.10 25.54 25.85
N VAL A 475 43.25 24.94 24.68
CA VAL A 475 42.15 24.76 23.73
C VAL A 475 41.62 23.33 23.86
N SER A 476 40.31 23.17 23.85
CA SER A 476 39.73 21.85 23.90
C SER A 476 39.10 21.57 22.55
N ILE A 477 39.36 20.40 22.02
CA ILE A 477 38.81 20.02 20.74
C ILE A 477 38.02 18.74 20.93
N PRO A 478 36.68 18.85 20.85
CA PRO A 478 35.94 19.94 20.26
C PRO A 478 35.61 21.03 21.26
N GLY A 479 35.51 22.26 20.77
CA GLY A 479 35.21 23.41 21.60
C GLY A 479 33.80 23.36 22.11
N GLU A 480 32.84 23.30 21.20
CA GLU A 480 31.47 23.16 21.66
C GLU A 480 30.83 22.02 20.87
N TYR A 481 29.67 21.57 21.35
CA TYR A 481 28.81 20.73 20.52
C TYR A 481 27.36 21.03 20.88
N THR A 482 26.49 20.82 19.91
CA THR A 482 25.08 21.20 20.01
C THR A 482 24.23 20.02 19.58
N SER A 483 23.17 19.73 20.35
CA SER A 483 22.20 18.71 19.99
C SER A 483 21.01 19.36 19.33
N PHE A 484 20.50 18.72 18.27
CA PHE A 484 19.33 19.20 17.55
C PHE A 484 18.21 18.18 17.64
N LEU A 485 16.97 18.67 17.53
CA LEU A 485 15.79 17.84 17.61
C LEU A 485 14.82 18.21 16.50
N ALA A 486 14.11 17.20 15.99
CA ALA A 486 13.12 17.41 14.95
C ALA A 486 12.02 16.37 15.11
N PRO A 487 10.75 16.78 15.18
CA PRO A 487 9.67 15.79 15.26
C PRO A 487 9.54 15.02 13.96
N ILE A 488 9.21 13.73 14.08
CA ILE A 488 9.13 12.84 12.93
C ILE A 488 7.83 12.06 12.98
N SER A 489 7.41 11.59 11.82
CA SER A 489 6.25 10.71 11.68
C SER A 489 6.72 9.41 11.04
N SER A 490 6.52 8.30 11.74
CA SER A 490 6.92 7.00 11.21
C SER A 490 6.11 5.92 11.93
N SER A 491 5.03 5.49 11.29
CA SER A 491 4.29 4.34 11.81
C SER A 491 5.15 3.09 11.78
N LYS A 492 6.01 2.98 10.76
CA LYS A 492 6.99 1.90 10.68
C LYS A 492 7.83 1.83 11.94
N LEU A 493 8.48 2.96 12.28
CA LEU A 493 9.37 2.97 13.45
C LEU A 493 8.59 2.85 14.75
N TYR A 494 7.33 3.29 14.77
CA TYR A 494 6.56 3.19 16.01
C TYR A 494 6.28 1.73 16.37
N ASN A 495 5.99 0.86 15.38
CA ASN A 495 5.90 -0.57 15.68
C ASN A 495 7.20 -1.13 16.23
N GLU A 496 8.34 -0.80 15.63
CA GLU A 496 9.58 -1.45 16.05
C GLU A 496 9.85 -1.22 17.53
N VAL A 497 9.68 0.01 17.99
CA VAL A 497 9.77 0.30 19.42
C VAL A 497 8.69 -0.46 20.18
N ARG A 498 7.46 -0.40 19.68
CA ARG A 498 6.35 -1.11 20.31
C ARG A 498 6.62 -2.62 20.41
N ALA A 499 7.43 -3.15 19.50
CA ALA A 499 7.78 -4.56 19.53
C ALA A 499 8.95 -4.87 20.46
N CYS A 500 9.51 -3.82 21.04
CA CYS A 500 10.68 -3.93 21.87
C CYS A 500 10.38 -4.30 23.30
N ARG A 501 9.12 -4.57 23.60
CA ARG A 501 8.80 -4.94 24.95
C ARG A 501 9.50 -6.23 25.31
N GLU A 502 9.98 -6.27 26.53
CA GLU A 502 10.68 -7.43 27.03
C GLU A 502 10.08 -7.81 28.34
N LYS A 503 10.28 -9.07 28.72
CA LYS A 503 9.80 -9.58 29.98
C LYS A 503 10.64 -9.08 31.14
N ASP A 504 10.09 -9.19 32.34
CA ASP A 504 10.73 -8.74 33.58
C ASP A 504 11.08 -7.25 33.61
N ARG A 505 10.23 -6.43 32.98
CA ARG A 505 10.44 -4.99 32.95
C ARG A 505 9.15 -4.26 32.65
N ASP A 506 9.10 -2.95 32.87
CA ASP A 506 7.90 -2.17 32.61
C ASP A 506 7.45 -2.37 31.16
N PRO A 507 6.19 -2.73 30.92
CA PRO A 507 5.74 -3.00 29.55
C PRO A 507 5.81 -1.81 28.63
N GLU A 508 6.03 -0.60 29.15
CA GLU A 508 6.16 0.60 28.32
C GLU A 508 7.56 1.21 28.40
N ALA A 509 8.52 0.51 29.01
CA ALA A 509 9.86 1.07 29.17
C ALA A 509 10.58 1.23 27.84
N GLN A 510 10.23 0.44 26.84
CA GLN A 510 10.84 0.60 25.52
C GLN A 510 10.51 1.96 24.91
N PHE A 511 9.37 2.54 25.30
CA PHE A 511 8.99 3.87 24.81
C PHE A 511 9.72 4.98 25.53
N GLU A 512 10.32 4.70 26.70
CA GLU A 512 10.98 5.72 27.51
C GLU A 512 12.50 5.64 27.40
N MET A 513 13.03 5.25 26.24
CA MET A 513 14.46 5.15 26.03
C MET A 513 14.78 5.46 24.58
N PRO A 514 15.90 6.12 24.31
CA PRO A 514 16.25 6.45 22.93
C PRO A 514 16.95 5.31 22.22
N TYR A 515 17.02 5.42 20.90
CA TYR A 515 17.67 4.42 20.06
C TYR A 515 18.52 5.07 18.99
N VAL A 516 19.64 4.47 18.66
CA VAL A 516 20.47 5.01 17.61
C VAL A 516 20.01 4.22 16.42
N VAL A 517 19.67 4.89 15.34
CA VAL A 517 19.13 4.19 14.19
C VAL A 517 19.19 5.01 12.93
N ARG A 518 19.67 4.42 11.85
CA ARG A 518 19.67 5.13 10.56
C ARG A 518 18.22 5.19 10.10
N LEU A 519 17.58 6.29 10.45
CA LEU A 519 16.23 6.65 10.04
C LEU A 519 16.07 6.58 8.52
N HIS A 520 15.09 5.79 8.06
CA HIS A 520 14.84 5.65 6.63
C HIS A 520 13.40 5.99 6.29
N ASN A 521 12.46 5.10 6.62
CA ASN A 521 11.04 5.29 6.32
C ASN A 521 10.41 6.18 7.38
N PHE A 522 10.78 7.45 7.34
CA PHE A 522 10.26 8.45 8.27
C PHE A 522 9.98 9.74 7.52
N HIS A 523 9.25 10.64 8.19
CA HIS A 523 8.89 11.93 7.63
C HIS A 523 9.23 13.00 8.66
N GLN A 524 10.17 13.88 8.32
CA GLN A 524 10.52 14.98 9.21
C GLN A 524 9.43 16.05 9.16
N LEU A 525 8.95 16.44 10.34
CA LEU A 525 7.79 17.33 10.45
C LEU A 525 8.15 18.79 10.67
N SER A 526 9.40 19.10 10.97
CA SER A 526 9.84 20.48 11.12
C SER A 526 11.35 20.53 11.04
N ALA A 527 11.87 21.72 10.79
CA ALA A 527 13.31 21.89 10.71
C ALA A 527 13.96 21.60 12.06
N PRO A 528 15.06 20.86 12.07
CA PRO A 528 15.75 20.59 13.35
C PRO A 528 16.14 21.88 14.06
N GLN A 529 15.83 21.94 15.34
CA GLN A 529 16.09 23.07 16.21
C GLN A 529 17.13 22.68 17.27
N PRO A 530 17.99 23.62 17.67
CA PRO A 530 18.97 23.30 18.72
C PRO A 530 18.30 22.95 20.03
N CYS A 531 18.88 21.98 20.74
CA CYS A 531 18.36 21.52 22.01
C CYS A 531 19.33 21.84 23.14
N PHE A 532 20.44 21.13 23.25
CA PHE A 532 21.42 21.34 24.30
C PHE A 532 22.76 21.73 23.69
N THR A 533 23.50 22.56 24.42
CA THR A 533 24.81 23.03 24.00
C THR A 533 25.78 22.93 25.17
N PHE A 534 27.02 22.56 24.88
CA PHE A 534 28.06 22.52 25.90
C PHE A 534 29.34 23.10 25.30
N SER A 535 30.06 23.89 26.10
CA SER A 535 31.30 24.53 25.67
C SER A 535 32.43 24.09 26.59
N HIS A 536 33.55 23.69 25.98
CA HIS A 536 34.73 23.24 26.71
C HIS A 536 35.94 24.07 26.31
N PRO A 537 36.71 24.59 27.28
CA PRO A 537 36.52 24.50 28.73
C PRO A 537 35.29 25.25 29.23
N ASN A 538 34.58 24.64 30.19
CA ASN A 538 33.35 25.23 30.71
C ASN A 538 33.65 26.52 31.46
N ARG A 539 34.74 26.56 32.21
CA ARG A 539 35.07 27.66 33.13
C ARG A 539 33.89 27.78 34.09
N ASP A 540 33.34 28.98 34.30
CA ASP A 540 32.08 29.29 34.96
C ASP A 540 32.36 29.21 36.46
N PRO A 541 31.74 30.03 37.31
CA PRO A 541 31.96 29.84 38.76
C PRO A 541 31.52 28.48 39.22
N MET A 542 30.51 27.94 38.54
CA MET A 542 29.75 26.77 38.98
C MET A 542 29.28 26.04 37.72
N ILE A 543 29.76 24.82 37.54
CA ILE A 543 29.44 24.04 36.36
C ILE A 543 28.22 23.18 36.66
N ASP A 544 27.19 23.31 35.85
CA ASP A 544 26.03 22.43 35.95
C ASP A 544 25.61 22.00 34.56
N ASN A 545 25.60 20.69 34.34
CA ASN A 545 25.22 20.13 33.05
C ASN A 545 23.75 19.75 32.99
N ASN A 546 22.98 20.01 34.05
CA ASN A 546 21.54 19.91 33.97
C ASN A 546 21.00 20.93 32.99
N ARG A 547 19.99 20.55 32.21
CA ARG A 547 19.49 21.40 31.14
C ARG A 547 17.98 21.32 31.07
N TYR A 548 17.37 22.49 30.84
CA TYR A 548 15.95 22.59 30.46
C TYR A 548 15.86 23.40 29.17
N CYS A 549 15.20 22.80 28.18
CA CYS A 549 15.06 23.40 26.86
C CYS A 549 13.65 23.13 26.37
N THR A 550 13.01 24.16 25.83
CA THR A 550 11.59 24.12 25.49
C THR A 550 11.46 24.47 24.02
N LEU A 551 11.02 23.52 23.21
CA LEU A 551 11.01 23.71 21.76
C LEU A 551 9.58 23.74 21.22
N GLU A 552 9.39 24.49 20.14
CA GLU A 552 8.11 24.60 19.46
C GLU A 552 8.35 24.43 17.97
N PHE A 553 7.71 23.42 17.38
CA PHE A 553 7.95 23.07 15.99
C PHE A 553 6.73 23.36 15.15
N PRO A 554 6.77 24.37 14.26
CA PRO A 554 5.63 24.61 13.36
C PRO A 554 5.45 23.46 12.39
N VAL A 555 4.21 22.98 12.28
CA VAL A 555 3.88 21.87 11.41
C VAL A 555 2.90 22.36 10.36
N GLU A 556 3.22 22.10 9.09
CA GLU A 556 2.43 22.61 7.97
C GLU A 556 1.65 21.51 7.26
N VAL A 557 1.48 20.35 7.90
CA VAL A 557 0.83 19.21 7.28
C VAL A 557 0.07 18.43 8.35
N ASN A 558 -1.01 17.78 7.94
CA ASN A 558 -1.64 16.79 8.81
C ASN A 558 -0.80 15.53 8.87
N THR A 559 -0.73 14.91 10.05
CA THR A 559 0.23 13.84 10.28
C THR A 559 -0.08 13.18 11.62
N VAL A 560 0.84 12.30 12.06
CA VAL A 560 0.79 11.64 13.36
C VAL A 560 2.19 11.65 13.96
N LEU A 561 2.32 12.19 15.16
CA LEU A 561 3.60 12.29 15.84
C LEU A 561 3.94 10.96 16.51
N HIS A 562 5.10 10.40 16.15
CA HIS A 562 5.56 9.15 16.74
C HIS A 562 6.82 9.31 17.57
N GLY A 563 7.63 10.33 17.32
CA GLY A 563 8.85 10.51 18.07
C GLY A 563 9.60 11.73 17.59
N PHE A 564 10.81 11.89 18.12
CA PHE A 564 11.66 13.03 17.80
C PHE A 564 13.04 12.52 17.42
N ALA A 565 13.49 12.84 16.21
CA ALA A 565 14.84 12.50 15.79
C ALA A 565 15.83 13.48 16.37
N GLY A 566 17.00 12.97 16.72
CA GLY A 566 18.06 13.79 17.31
C GLY A 566 19.31 13.73 16.46
N TYR A 567 19.97 14.89 16.33
CA TYR A 567 21.25 15.00 15.64
C TYR A 567 22.15 15.87 16.49
N PHE A 568 23.37 16.10 16.00
CA PHE A 568 24.30 16.94 16.72
C PHE A 568 25.22 17.66 15.74
N GLU A 569 25.61 18.87 16.12
CA GLU A 569 26.66 19.63 15.45
C GLU A 569 27.76 19.89 16.46
N THR A 570 29.01 19.87 16.00
CA THR A 570 30.13 20.13 16.88
C THR A 570 31.17 20.97 16.15
N VAL A 571 31.82 21.85 16.89
CA VAL A 571 32.86 22.67 16.33
C VAL A 571 34.16 22.21 16.94
N LEU A 572 34.95 21.48 16.19
CA LEU A 572 36.19 20.99 16.72
C LEU A 572 37.11 22.14 17.07
N TYR A 573 37.22 23.08 16.14
CA TYR A 573 38.07 24.26 16.28
C TYR A 573 37.79 25.20 15.13
N GLN A 574 37.50 26.45 15.45
CA GLN A 574 37.23 27.47 14.44
C GLN A 574 36.16 27.02 13.46
N ASP A 575 36.47 27.16 12.18
CA ASP A 575 35.59 26.76 11.09
C ASP A 575 35.36 25.25 10.96
N ILE A 576 36.36 24.44 11.25
CA ILE A 576 36.22 23.00 11.10
C ILE A 576 35.08 22.49 11.96
N THR A 577 34.22 21.65 11.42
CA THR A 577 33.09 21.12 12.18
C THR A 577 32.74 19.70 11.77
N LEU A 578 31.92 19.06 12.59
CA LEU A 578 31.40 17.73 12.32
C LEU A 578 29.91 17.85 12.55
N SER A 579 29.10 17.24 11.69
CA SER A 579 27.66 17.34 11.87
C SER A 579 26.83 16.28 11.21
N ILE A 580 25.81 15.79 11.90
CA ILE A 580 24.85 14.88 11.31
C ILE A 580 23.47 15.51 11.15
N ARG A 581 23.31 16.77 11.55
CA ARG A 581 22.10 17.52 11.25
C ARG A 581 21.93 17.62 9.75
N PRO A 582 20.81 17.13 9.19
CA PRO A 582 20.70 17.02 7.72
C PRO A 582 20.95 18.30 6.96
N GLU A 583 20.61 19.47 7.52
CA GLU A 583 20.83 20.72 6.80
C GLU A 583 22.33 21.01 6.65
N THR A 584 23.12 20.67 7.66
CA THR A 584 24.55 20.92 7.65
C THR A 584 25.35 19.63 7.79
N HIS A 585 24.82 18.54 7.25
CA HIS A 585 25.47 17.23 7.38
C HIS A 585 26.85 17.25 6.73
N SER A 586 27.87 16.92 7.51
CA SER A 586 29.22 16.81 7.00
C SER A 586 29.25 15.81 5.85
N PRO A 587 29.65 16.23 4.65
CA PRO A 587 29.52 15.36 3.47
C PRO A 587 30.42 14.14 3.56
N GLY A 588 29.85 12.97 3.33
CA GLY A 588 30.60 11.73 3.23
C GLY A 588 30.89 11.02 4.53
N MET A 589 30.33 11.51 5.63
CA MET A 589 30.58 10.95 6.94
C MET A 589 29.48 10.06 7.48
N PHE A 590 29.75 8.77 7.55
CA PHE A 590 28.78 7.81 8.04
C PHE A 590 29.04 7.38 9.46
N SER A 591 29.94 8.06 10.14
CA SER A 591 30.31 7.64 11.49
C SER A 591 29.19 7.62 12.51
N TRP A 592 28.29 8.59 12.46
CA TRP A 592 27.21 8.61 13.44
C TRP A 592 25.85 8.45 12.81
N PHE A 593 24.95 7.83 13.54
CA PHE A 593 23.58 7.67 13.11
C PHE A 593 22.72 8.62 13.92
N PRO A 594 21.50 8.86 13.49
CA PRO A 594 20.68 9.76 14.29
C PRO A 594 20.08 8.99 15.46
N ILE A 595 19.71 9.72 16.50
CA ILE A 595 19.08 9.11 17.67
C ILE A 595 17.58 9.40 17.60
N LEU A 596 16.78 8.50 18.17
CA LEU A 596 15.33 8.59 18.10
C LEU A 596 14.76 8.54 19.52
N PHE A 597 14.05 9.59 19.90
CA PHE A 597 13.32 9.61 21.16
C PHE A 597 11.86 9.31 20.89
N PRO A 598 11.33 8.18 21.35
CA PRO A 598 9.92 7.87 21.07
C PRO A 598 8.95 8.48 22.07
N ILE A 599 7.66 8.30 21.83
CA ILE A 599 6.61 8.63 22.78
C ILE A 599 5.67 7.43 22.88
N LYS A 600 5.13 7.22 24.08
CA LYS A 600 4.30 6.03 24.33
C LYS A 600 3.11 5.97 23.39
N GLN A 601 2.39 7.08 23.25
CA GLN A 601 1.19 7.13 22.45
C GLN A 601 1.37 8.12 21.32
N PRO A 602 1.05 7.74 20.08
CA PRO A 602 1.15 8.69 18.97
C PRO A 602 0.14 9.81 19.11
N ILE A 603 0.49 10.97 18.55
CA ILE A 603 -0.31 12.19 18.67
C ILE A 603 -0.65 12.69 17.28
N THR A 604 -1.94 12.85 17.00
CA THR A 604 -2.38 13.40 15.73
C THR A 604 -2.19 14.91 15.71
N VAL A 605 -1.69 15.43 14.59
CA VAL A 605 -1.36 16.85 14.45
C VAL A 605 -2.03 17.40 13.21
N ARG A 606 -2.77 18.50 13.37
CA ARG A 606 -3.42 19.17 12.25
C ARG A 606 -2.45 20.14 11.60
N GLU A 607 -2.76 20.51 10.35
CA GLU A 607 -1.96 21.50 9.65
C GLU A 607 -2.01 22.83 10.37
N GLY A 608 -0.87 23.53 10.40
CA GLY A 608 -0.77 24.79 11.09
C GLY A 608 -0.60 24.69 12.59
N GLN A 609 -0.73 23.50 13.16
CA GLN A 609 -0.50 23.35 14.59
C GLN A 609 1.00 23.41 14.90
N THR A 610 1.30 23.73 16.14
CA THR A 610 2.68 23.83 16.62
C THR A 610 2.96 22.66 17.56
N ILE A 611 4.06 21.94 17.32
CA ILE A 611 4.49 20.88 18.21
C ILE A 611 5.50 21.47 19.19
N CYS A 612 5.01 21.70 20.42
CA CYS A 612 5.84 22.10 21.54
C CYS A 612 6.30 20.85 22.29
N VAL A 613 7.61 20.64 22.33
CA VAL A 613 8.20 19.56 23.10
C VAL A 613 9.16 20.17 24.12
N ARG A 614 9.35 19.45 25.20
CA ARG A 614 10.23 19.87 26.27
C ARG A 614 11.18 18.76 26.61
N PHE A 615 12.44 19.08 26.78
CA PHE A 615 13.47 18.10 27.10
C PHE A 615 14.23 18.52 28.33
N TRP A 616 14.69 17.53 29.09
CA TRP A 616 15.45 17.77 30.30
C TRP A 616 16.70 16.91 30.31
N ARG A 617 17.79 17.42 30.87
CA ARG A 617 18.97 16.61 31.04
C ARG A 617 19.06 16.59 32.55
N CYS A 618 18.95 15.41 33.13
CA CYS A 618 18.91 15.28 34.58
C CYS A 618 20.08 14.48 35.02
N SER A 619 20.44 14.62 36.28
CA SER A 619 21.64 13.93 36.73
C SER A 619 21.64 13.87 38.25
N ASN A 620 22.12 12.75 38.78
CA ASN A 620 22.61 12.73 40.14
C ASN A 620 24.07 12.38 40.11
N SER A 621 24.62 12.00 41.27
CA SER A 621 26.03 11.71 41.37
C SER A 621 26.42 10.36 40.78
N LYS A 622 25.46 9.54 40.36
CA LYS A 622 25.76 8.23 39.79
C LYS A 622 25.44 8.09 38.31
N LYS A 623 24.58 8.94 37.75
CA LYS A 623 24.03 8.66 36.44
C LYS A 623 23.38 9.92 35.88
N VAL A 624 23.27 9.98 34.55
CA VAL A 624 22.66 11.08 33.83
C VAL A 624 21.61 10.50 32.89
N TRP A 625 20.49 11.19 32.74
CA TRP A 625 19.42 10.69 31.90
C TRP A 625 18.66 11.85 31.27
N TYR A 626 17.82 11.51 30.30
CA TYR A 626 16.95 12.46 29.62
C TYR A 626 15.49 12.19 29.98
N GLU A 627 14.78 13.25 30.34
CA GLU A 627 13.33 13.21 30.44
C GLU A 627 12.75 14.09 29.34
N TRP A 628 11.59 13.70 28.83
CA TRP A 628 10.98 14.50 27.76
C TRP A 628 9.47 14.34 27.83
N ALA A 629 8.77 15.33 27.28
CA ALA A 629 7.33 15.31 27.24
C ALA A 629 6.81 16.19 26.13
N VAL A 630 5.57 15.95 25.73
CA VAL A 630 4.95 16.74 24.69
C VAL A 630 3.84 17.54 25.30
N THR A 631 3.85 18.82 25.05
CA THR A 631 2.85 19.73 25.56
C THR A 631 2.23 20.45 24.40
N ALA A 632 2.15 19.81 23.24
CA ALA A 632 1.69 20.53 22.06
C ALA A 632 0.20 20.45 21.85
N PRO A 633 -0.22 19.79 20.79
CA PRO A 633 -1.66 19.71 20.59
C PRO A 633 -2.32 18.95 21.74
N VAL A 634 -1.70 17.85 22.14
CA VAL A 634 -2.18 17.04 23.24
C VAL A 634 -0.99 16.81 24.13
N CYS A 635 -1.22 16.72 25.43
CA CYS A 635 -0.13 16.46 26.34
C CYS A 635 0.26 15.00 26.31
N SER A 636 1.50 14.71 26.67
CA SER A 636 1.99 13.35 26.69
C SER A 636 2.62 13.11 28.04
N ALA A 637 2.59 11.90 28.54
CA ALA A 637 3.21 11.63 29.83
C ALA A 637 4.68 12.00 29.77
N ILE A 638 5.23 12.39 30.93
CA ILE A 638 6.66 12.61 31.01
C ILE A 638 7.37 11.28 30.86
N HIS A 639 8.35 11.23 29.96
CA HIS A 639 9.01 9.99 29.60
C HIS A 639 10.34 9.86 30.34
N ASN A 640 10.65 8.63 30.74
CA ASN A 640 11.82 8.32 31.55
C ASN A 640 11.95 9.23 32.77
N PRO A 641 10.92 9.30 33.63
CA PRO A 641 11.05 10.10 34.85
C PRO A 641 11.94 9.40 35.86
N THR A 642 12.81 10.19 36.49
CA THR A 642 13.81 9.73 37.46
C THR A 642 14.81 8.77 36.81
N GLY A 643 14.81 8.68 35.49
CA GLY A 643 15.61 7.68 34.81
C GLY A 643 15.14 6.25 35.06
N ARG A 644 13.84 6.06 35.30
CA ARG A 644 13.32 4.75 35.67
C ARG A 644 13.50 3.72 34.56
N SER A 645 13.72 4.15 33.32
CA SER A 645 13.81 3.23 32.19
C SER A 645 15.09 3.36 31.39
N TYR A 646 15.84 4.45 31.55
CA TYR A 646 17.07 4.64 30.78
C TYR A 646 18.02 5.54 31.56
N THR A 647 19.23 5.03 31.83
CA THR A 647 20.28 5.81 32.46
C THR A 647 21.49 5.84 31.54
N ILE A 648 22.35 6.84 31.76
CA ILE A 648 23.69 6.86 31.18
C ILE A 648 24.65 6.86 32.36
N GLY A 649 25.30 5.72 32.58
CA GLY A 649 26.09 5.55 33.80
C GLY A 649 27.28 6.48 33.83
N LEU A 650 27.48 7.13 34.97
CA LEU A 650 28.63 8.00 35.18
C LEU A 650 29.83 7.19 35.66
N PRO B 23 -20.61 -33.11 -31.91
CA PRO B 23 -20.98 -32.19 -32.99
C PRO B 23 -20.03 -31.01 -33.12
N ASN B 24 -18.73 -31.29 -33.25
CA ASN B 24 -17.68 -30.27 -33.35
C ASN B 24 -17.68 -29.36 -32.11
N ALA B 25 -18.13 -29.90 -30.98
CA ALA B 25 -18.25 -29.17 -29.73
C ALA B 25 -17.40 -29.86 -28.66
N PRO B 26 -17.05 -29.14 -27.59
CA PRO B 26 -16.28 -29.78 -26.51
C PRO B 26 -17.05 -30.91 -25.85
N ALA B 27 -16.31 -31.72 -25.09
CA ALA B 27 -16.89 -32.93 -24.50
C ALA B 27 -18.03 -32.60 -23.56
N CYS B 28 -17.75 -31.89 -22.47
CA CYS B 28 -18.76 -31.43 -21.54
C CYS B 28 -18.67 -29.93 -21.40
N MET B 29 -19.76 -29.31 -20.96
CA MET B 29 -19.74 -27.90 -20.64
C MET B 29 -19.58 -27.69 -19.14
N GLU B 30 -19.40 -26.44 -18.76
CA GLU B 30 -19.11 -26.07 -17.39
C GLU B 30 -20.40 -25.99 -16.57
N ARG B 31 -20.22 -26.07 -15.25
CA ARG B 31 -21.38 -26.23 -14.36
C ARG B 31 -22.20 -24.95 -14.26
N GLN B 32 -21.54 -23.81 -14.14
CA GLN B 32 -22.22 -22.57 -13.77
C GLN B 32 -22.82 -21.94 -15.01
N LEU B 33 -24.07 -22.31 -15.29
CA LEU B 33 -24.82 -21.67 -16.37
C LEU B 33 -25.09 -20.21 -15.99
N GLU B 34 -24.58 -19.27 -16.80
CA GLU B 34 -24.57 -17.87 -16.44
C GLU B 34 -25.53 -17.01 -17.24
N ALA B 35 -25.99 -17.47 -18.40
CA ALA B 35 -26.92 -16.66 -19.19
C ALA B 35 -27.65 -17.55 -20.20
N ALA B 36 -28.92 -17.22 -20.45
CA ALA B 36 -29.74 -17.91 -21.44
C ALA B 36 -30.53 -16.88 -22.22
N ARG B 37 -30.45 -16.95 -23.56
CA ARG B 37 -31.09 -15.99 -24.44
C ARG B 37 -31.81 -16.70 -25.57
N TYR B 38 -33.04 -16.27 -25.85
CA TYR B 38 -33.77 -16.68 -27.03
C TYR B 38 -33.64 -15.61 -28.10
N ARG B 39 -33.39 -16.04 -29.33
CA ARG B 39 -33.45 -15.14 -30.47
C ARG B 39 -34.83 -15.23 -31.12
N SER B 40 -34.96 -14.69 -32.33
CA SER B 40 -36.28 -14.57 -32.94
C SER B 40 -36.89 -15.93 -33.27
N ASP B 41 -36.11 -16.82 -33.87
CA ASP B 41 -36.65 -18.07 -34.39
C ASP B 41 -36.89 -19.12 -33.30
N GLY B 42 -36.46 -18.88 -32.07
CA GLY B 42 -36.70 -19.80 -30.98
C GLY B 42 -35.52 -20.64 -30.55
N ALA B 43 -34.33 -20.37 -31.08
CA ALA B 43 -33.15 -21.15 -30.72
C ALA B 43 -32.55 -20.61 -29.42
N LEU B 44 -32.20 -21.51 -28.51
CA LEU B 44 -31.77 -21.14 -27.17
C LEU B 44 -30.26 -20.98 -27.11
N LEU B 45 -29.80 -19.80 -26.67
CA LEU B 45 -28.39 -19.55 -26.46
C LEU B 45 -28.03 -19.78 -25.00
N LEU B 46 -26.85 -20.35 -24.77
CA LEU B 46 -26.40 -20.72 -23.43
C LEU B 46 -24.96 -20.27 -23.22
N GLY B 47 -24.70 -19.71 -22.04
CA GLY B 47 -23.35 -19.32 -21.65
C GLY B 47 -22.98 -19.84 -20.28
N ALA B 48 -21.95 -20.67 -20.22
CA ALA B 48 -21.53 -21.31 -18.98
C ALA B 48 -20.06 -21.04 -18.72
N SER B 49 -19.70 -20.97 -17.44
CA SER B 49 -18.32 -20.79 -17.00
C SER B 49 -18.01 -21.78 -15.90
N SER B 50 -16.74 -22.16 -15.82
CA SER B 50 -16.27 -23.03 -14.73
C SER B 50 -15.78 -22.13 -13.60
N LEU B 51 -16.72 -21.81 -12.71
CA LEU B 51 -16.42 -20.96 -11.55
C LEU B 51 -15.59 -21.68 -10.50
N SER B 52 -15.70 -23.01 -10.41
CA SER B 52 -14.89 -23.79 -9.50
C SER B 52 -14.21 -24.93 -10.26
N GLY B 53 -13.18 -25.49 -9.65
CA GLY B 53 -12.45 -26.59 -10.23
C GLY B 53 -11.07 -26.16 -10.71
N ARG B 54 -10.46 -27.04 -11.50
CA ARG B 54 -9.08 -26.84 -11.92
C ARG B 54 -8.95 -25.77 -13.00
N CYS B 55 -9.84 -25.81 -14.00
CA CYS B 55 -9.77 -24.91 -15.14
C CYS B 55 -10.95 -23.94 -15.09
N TRP B 56 -10.65 -22.65 -15.01
CA TRP B 56 -11.68 -21.60 -14.94
C TRP B 56 -11.82 -20.97 -16.33
N ALA B 57 -12.71 -21.53 -17.14
CA ALA B 57 -12.93 -21.05 -18.50
C ALA B 57 -14.43 -20.99 -18.74
N GLY B 58 -14.82 -20.88 -20.00
CA GLY B 58 -16.22 -20.80 -20.38
C GLY B 58 -16.43 -21.33 -21.78
N SER B 59 -17.69 -21.31 -22.21
CA SER B 59 -18.05 -21.82 -23.52
C SER B 59 -19.38 -21.19 -23.94
N LEU B 60 -19.67 -21.30 -25.22
CA LEU B 60 -20.92 -20.79 -25.79
C LEU B 60 -21.65 -21.92 -26.50
N TRP B 61 -22.96 -21.98 -26.33
CA TRP B 61 -23.76 -23.07 -26.86
C TRP B 61 -25.03 -22.55 -27.51
N LEU B 62 -25.44 -23.23 -28.58
CA LEU B 62 -26.73 -22.98 -29.23
C LEU B 62 -27.51 -24.27 -29.38
N PHE B 63 -28.77 -24.23 -28.95
CA PHE B 63 -29.68 -25.36 -28.98
C PHE B 63 -30.95 -24.92 -29.71
N LYS B 64 -31.07 -25.32 -30.98
CA LYS B 64 -32.31 -25.09 -31.70
C LYS B 64 -33.47 -25.83 -31.08
N ASP B 65 -33.20 -26.91 -30.33
CA ASP B 65 -34.20 -27.57 -29.51
C ASP B 65 -34.02 -27.09 -28.08
N PRO B 66 -34.99 -26.38 -27.50
CA PRO B 66 -34.78 -25.82 -26.15
C PRO B 66 -34.85 -26.86 -25.04
N CYS B 67 -35.53 -27.99 -25.26
CA CYS B 67 -35.73 -28.96 -24.20
C CYS B 67 -34.48 -29.80 -23.92
N ALA B 68 -33.59 -29.97 -24.91
CA ALA B 68 -32.34 -30.68 -24.72
C ALA B 68 -31.18 -29.73 -24.46
N ALA B 69 -31.45 -28.61 -23.77
CA ALA B 69 -30.42 -27.58 -23.59
C ALA B 69 -29.29 -28.01 -22.67
N PRO B 70 -29.52 -28.63 -21.50
CA PRO B 70 -28.38 -28.97 -20.64
C PRO B 70 -27.50 -30.08 -21.18
N ASN B 71 -27.91 -30.72 -22.28
CA ASN B 71 -27.21 -31.89 -22.81
C ASN B 71 -26.26 -31.45 -23.91
N GLU B 72 -24.96 -31.60 -23.64
CA GLU B 72 -23.93 -31.16 -24.57
C GLU B 72 -24.03 -31.86 -25.92
N GLY B 73 -24.21 -33.18 -25.90
CA GLY B 73 -24.21 -33.94 -27.14
C GLY B 73 -25.39 -33.65 -28.05
N PHE B 74 -26.48 -33.16 -27.48
CA PHE B 74 -27.67 -32.83 -28.27
C PHE B 74 -27.72 -31.34 -28.59
N CYS B 75 -26.60 -30.79 -29.03
CA CYS B 75 -26.49 -29.37 -29.31
C CYS B 75 -26.40 -29.11 -30.81
N SER B 76 -26.76 -27.89 -31.20
CA SER B 76 -26.62 -27.48 -32.59
C SER B 76 -25.20 -26.98 -32.86
N ALA B 77 -24.64 -26.19 -31.95
CA ALA B 77 -23.28 -25.68 -32.08
C ALA B 77 -22.66 -25.61 -30.69
N GLY B 78 -21.36 -25.30 -30.66
CA GLY B 78 -20.67 -25.18 -29.39
C GLY B 78 -19.18 -24.94 -29.51
N VAL B 79 -18.73 -23.75 -29.09
CA VAL B 79 -17.33 -23.42 -29.01
C VAL B 79 -16.98 -23.17 -27.54
N GLN B 80 -15.68 -23.05 -27.27
CA GLN B 80 -15.18 -23.01 -25.90
C GLN B 80 -14.11 -21.94 -25.80
N THR B 81 -14.37 -20.95 -24.95
CA THR B 81 -13.59 -19.73 -24.87
C THR B 81 -12.53 -19.84 -23.79
N GLU B 82 -11.69 -18.81 -23.71
CA GLU B 82 -10.52 -18.86 -22.85
C GLU B 82 -10.89 -18.70 -21.38
N ALA B 83 -11.82 -17.80 -21.08
CA ALA B 83 -12.08 -17.40 -19.70
C ALA B 83 -13.57 -17.59 -19.39
N GLY B 84 -14.02 -16.98 -18.30
CA GLY B 84 -15.40 -17.11 -17.89
C GLY B 84 -16.32 -16.15 -18.64
N VAL B 85 -17.57 -16.57 -18.78
CA VAL B 85 -18.59 -15.78 -19.47
C VAL B 85 -19.40 -15.08 -18.39
N ALA B 86 -19.03 -13.84 -18.08
CA ALA B 86 -19.75 -13.09 -17.07
C ALA B 86 -21.10 -12.60 -17.59
N ASP B 87 -21.19 -12.27 -18.87
CA ASP B 87 -22.45 -11.90 -19.49
C ASP B 87 -22.34 -12.11 -21.00
N LEU B 88 -23.50 -12.26 -21.63
CA LEU B 88 -23.56 -12.36 -23.08
C LEU B 88 -24.81 -11.64 -23.58
N THR B 89 -24.83 -11.37 -24.88
CA THR B 89 -26.01 -10.83 -25.54
C THR B 89 -25.92 -11.18 -27.02
N TRP B 90 -27.10 -11.22 -27.65
CA TRP B 90 -27.16 -11.44 -29.09
C TRP B 90 -26.76 -10.18 -29.84
N VAL B 91 -26.12 -10.37 -30.98
CA VAL B 91 -25.87 -9.29 -31.94
C VAL B 91 -26.52 -9.73 -33.23
N GLY B 92 -27.68 -9.15 -33.54
CA GLY B 92 -28.45 -9.60 -34.69
C GLY B 92 -29.02 -10.98 -34.41
N GLU B 93 -28.89 -11.87 -35.38
CA GLU B 93 -29.39 -13.23 -35.24
C GLU B 93 -28.31 -14.30 -35.32
N ARG B 94 -27.09 -13.94 -35.71
CA ARG B 94 -26.01 -14.90 -35.85
C ARG B 94 -24.71 -14.40 -35.22
N GLY B 95 -24.83 -13.62 -34.14
CA GLY B 95 -23.66 -13.10 -33.45
C GLY B 95 -23.86 -13.01 -31.96
N ILE B 96 -22.81 -13.35 -31.18
CA ILE B 96 -22.90 -13.37 -29.72
C ILE B 96 -21.85 -12.39 -29.21
N LEU B 97 -22.26 -11.45 -28.36
CA LEU B 97 -21.30 -10.55 -27.73
C LEU B 97 -21.05 -11.01 -26.30
N VAL B 98 -19.79 -11.24 -25.95
CA VAL B 98 -19.40 -11.93 -24.72
C VAL B 98 -18.71 -10.96 -23.78
N ALA B 99 -19.09 -11.04 -22.50
CA ALA B 99 -18.45 -10.28 -21.42
C ALA B 99 -17.56 -11.26 -20.67
N SER B 100 -16.28 -11.27 -21.01
CA SER B 100 -15.41 -12.35 -20.57
C SER B 100 -14.52 -11.91 -19.41
N ASP B 101 -14.19 -12.89 -18.55
CA ASP B 101 -13.45 -12.59 -17.32
C ASP B 101 -12.09 -12.01 -17.62
N SER B 102 -11.53 -12.29 -18.78
CA SER B 102 -10.18 -11.89 -19.14
C SER B 102 -10.02 -10.38 -19.31
N GLY B 103 -11.05 -9.59 -19.05
CA GLY B 103 -11.01 -8.17 -19.32
C GLY B 103 -11.32 -7.80 -20.75
N ALA B 104 -11.87 -8.72 -21.52
CA ALA B 104 -12.16 -8.50 -22.93
C ALA B 104 -13.64 -8.71 -23.21
N VAL B 105 -14.16 -7.97 -24.18
CA VAL B 105 -15.43 -8.28 -24.81
C VAL B 105 -15.15 -9.06 -26.08
N GLU B 106 -15.93 -10.11 -26.31
CA GLU B 106 -15.71 -10.99 -27.45
C GLU B 106 -17.00 -11.10 -28.24
N LEU B 107 -16.88 -11.04 -29.56
CA LEU B 107 -18.00 -11.27 -30.47
C LEU B 107 -17.73 -12.54 -31.25
N TRP B 108 -18.60 -13.53 -31.09
CA TRP B 108 -18.57 -14.75 -31.86
C TRP B 108 -19.78 -14.78 -32.78
N GLU B 109 -19.63 -15.40 -33.94
CA GLU B 109 -20.68 -15.41 -34.95
C GLU B 109 -20.80 -16.79 -35.56
N LEU B 110 -22.03 -17.29 -35.64
CA LEU B 110 -22.26 -18.56 -36.34
C LEU B 110 -21.93 -18.42 -37.82
N ASP B 111 -21.64 -19.56 -38.44
CA ASP B 111 -21.41 -19.62 -39.87
C ASP B 111 -22.77 -19.66 -40.57
N GLU B 112 -22.76 -19.90 -41.89
CA GLU B 112 -24.02 -20.01 -42.62
C GLU B 112 -24.77 -21.28 -42.23
N ASN B 113 -24.06 -22.40 -42.07
CA ASN B 113 -24.69 -23.64 -41.63
C ASN B 113 -25.13 -23.58 -40.17
N GLU B 114 -24.67 -22.60 -39.40
CA GLU B 114 -24.98 -22.48 -37.98
C GLU B 114 -24.56 -23.74 -37.22
N THR B 115 -23.38 -24.27 -37.55
CA THR B 115 -22.80 -25.40 -36.86
C THR B 115 -21.54 -25.07 -36.10
N LEU B 116 -20.73 -24.12 -36.59
CA LEU B 116 -19.52 -23.68 -35.93
C LEU B 116 -19.70 -22.26 -35.42
N ILE B 117 -19.12 -21.98 -34.24
CA ILE B 117 -19.14 -20.64 -33.66
C ILE B 117 -17.70 -20.15 -33.66
N VAL B 118 -17.43 -19.10 -34.44
CA VAL B 118 -16.09 -18.58 -34.65
C VAL B 118 -16.02 -17.16 -34.11
N SER B 119 -14.87 -16.82 -33.51
CA SER B 119 -14.69 -15.50 -32.93
C SER B 119 -14.50 -14.44 -34.02
N LYS B 120 -15.18 -13.32 -33.88
CA LYS B 120 -15.01 -12.19 -34.78
C LYS B 120 -13.88 -11.28 -34.33
N PHE B 121 -13.85 -10.94 -33.04
CA PHE B 121 -12.74 -10.18 -32.48
C PHE B 121 -12.68 -10.45 -30.98
N CYS B 122 -11.58 -10.00 -30.37
CA CYS B 122 -11.33 -10.21 -28.95
C CYS B 122 -10.44 -9.05 -28.49
N LYS B 123 -11.07 -8.00 -27.97
CA LYS B 123 -10.40 -6.76 -27.63
C LYS B 123 -10.28 -6.64 -26.11
N TYR B 124 -9.05 -6.48 -25.63
CA TYR B 124 -8.77 -6.37 -24.19
C TYR B 124 -8.62 -4.89 -23.86
N GLU B 125 -9.76 -4.25 -23.55
CA GLU B 125 -9.77 -2.84 -23.21
C GLU B 125 -10.11 -2.56 -21.75
N HIS B 126 -10.79 -3.47 -21.06
CA HIS B 126 -11.10 -3.31 -19.65
C HIS B 126 -9.98 -3.89 -18.80
N ASP B 127 -9.67 -3.21 -17.70
CA ASP B 127 -8.59 -3.62 -16.80
C ASP B 127 -9.03 -4.64 -15.76
N ASP B 128 -10.31 -5.01 -15.74
CA ASP B 128 -10.82 -5.98 -14.77
C ASP B 128 -11.87 -6.83 -15.49
N ILE B 129 -12.62 -7.62 -14.71
CA ILE B 129 -13.66 -8.47 -15.26
C ILE B 129 -14.69 -7.62 -15.97
N VAL B 130 -15.01 -7.97 -17.21
CA VAL B 130 -16.11 -7.34 -17.92
C VAL B 130 -17.39 -7.97 -17.38
N SER B 131 -18.15 -7.22 -16.60
CA SER B 131 -19.26 -7.77 -15.82
C SER B 131 -20.57 -7.80 -16.58
N THR B 132 -20.83 -6.79 -17.41
CA THR B 132 -22.12 -6.69 -18.09
C THR B 132 -21.92 -6.08 -19.47
N VAL B 133 -22.82 -6.43 -20.39
CA VAL B 133 -22.77 -5.94 -21.75
C VAL B 133 -24.17 -5.97 -22.35
N SER B 134 -24.44 -5.04 -23.27
CA SER B 134 -25.76 -4.90 -23.86
C SER B 134 -25.63 -4.25 -25.23
N VAL B 135 -26.26 -4.85 -26.23
CA VAL B 135 -26.23 -4.31 -27.58
C VAL B 135 -27.32 -3.26 -27.73
N LEU B 136 -26.99 -2.16 -28.39
CA LEU B 136 -27.87 -1.01 -28.48
C LEU B 136 -28.99 -1.25 -29.48
N SER B 137 -29.93 -0.30 -29.54
CA SER B 137 -31.08 -0.44 -30.42
C SER B 137 -30.67 -0.44 -31.89
N SER B 138 -29.56 0.21 -32.22
CA SER B 138 -29.12 0.25 -33.61
C SER B 138 -28.49 -1.05 -34.06
N GLY B 139 -28.11 -1.95 -33.14
CA GLY B 139 -27.44 -3.18 -33.49
C GLY B 139 -26.02 -3.03 -33.97
N THR B 140 -25.60 -1.82 -34.32
CA THR B 140 -24.24 -1.51 -34.73
C THR B 140 -23.34 -1.07 -33.57
N GLN B 141 -23.89 -0.79 -32.40
CA GLN B 141 -23.09 -0.42 -31.25
C GLN B 141 -23.52 -1.22 -30.03
N ALA B 142 -22.64 -1.29 -29.04
CA ALA B 142 -22.92 -1.99 -27.80
C ALA B 142 -22.13 -1.36 -26.67
N VAL B 143 -22.70 -1.44 -25.47
CA VAL B 143 -22.13 -0.84 -24.27
C VAL B 143 -21.80 -1.94 -23.28
N SER B 144 -20.64 -1.81 -22.62
CA SER B 144 -20.16 -2.81 -21.68
C SER B 144 -19.76 -2.16 -20.36
N GLY B 145 -20.03 -2.84 -19.26
CA GLY B 145 -19.63 -2.39 -17.94
C GLY B 145 -18.76 -3.44 -17.29
N SER B 146 -17.77 -2.98 -16.51
CA SER B 146 -16.77 -3.87 -15.95
C SER B 146 -16.40 -3.41 -14.55
N LYS B 147 -15.69 -4.29 -13.82
CA LYS B 147 -15.34 -4.04 -12.43
C LYS B 147 -14.24 -3.00 -12.26
N ASP B 148 -13.68 -2.48 -13.36
CA ASP B 148 -12.76 -1.37 -13.35
C ASP B 148 -13.48 -0.02 -13.28
N ILE B 149 -14.81 -0.04 -13.18
CA ILE B 149 -15.67 1.14 -13.01
C ILE B 149 -15.86 1.86 -14.35
N CYS B 150 -15.18 1.39 -15.39
CA CYS B 150 -15.28 2.02 -16.71
C CYS B 150 -16.42 1.42 -17.53
N ILE B 151 -17.13 2.28 -18.25
CA ILE B 151 -18.09 1.88 -19.27
C ILE B 151 -17.56 2.34 -20.62
N LYS B 152 -17.57 1.43 -21.59
CA LYS B 152 -17.04 1.72 -22.92
C LYS B 152 -18.13 1.54 -23.97
N VAL B 153 -18.11 2.41 -24.98
CA VAL B 153 -18.99 2.31 -26.14
C VAL B 153 -18.20 1.65 -27.26
N TRP B 154 -18.74 0.56 -27.81
CA TRP B 154 -18.03 -0.28 -28.76
C TRP B 154 -18.65 -0.14 -30.15
N ASP B 155 -17.79 -0.15 -31.17
CA ASP B 155 -18.21 -0.25 -32.56
C ASP B 155 -18.02 -1.69 -33.01
N LEU B 156 -19.11 -2.39 -33.28
CA LEU B 156 -18.95 -3.82 -33.50
C LEU B 156 -18.52 -4.14 -34.93
N ALA B 157 -18.31 -3.11 -35.75
CA ALA B 157 -17.80 -3.26 -37.10
C ALA B 157 -16.30 -3.03 -37.19
N GLN B 158 -15.79 -2.01 -36.50
CA GLN B 158 -14.37 -1.67 -36.54
C GLN B 158 -13.60 -2.15 -35.32
N GLN B 159 -14.22 -3.02 -34.50
CA GLN B 159 -13.56 -3.68 -33.36
C GLN B 159 -12.76 -2.71 -32.49
N VAL B 160 -13.31 -1.52 -32.27
CA VAL B 160 -12.66 -0.50 -31.47
C VAL B 160 -13.64 0.07 -30.45
N VAL B 161 -13.07 0.72 -29.44
CA VAL B 161 -13.85 1.42 -28.41
C VAL B 161 -14.12 2.84 -28.90
N LEU B 162 -15.39 3.22 -28.95
CA LEU B 162 -15.74 4.56 -29.40
C LEU B 162 -15.57 5.60 -28.29
N SER B 163 -15.82 5.20 -27.04
CA SER B 163 -15.76 6.15 -25.94
C SER B 163 -15.41 5.45 -24.64
N SER B 164 -14.60 6.13 -23.81
CA SER B 164 -14.15 5.66 -22.50
C SER B 164 -14.83 6.49 -21.42
N TYR B 165 -15.91 5.97 -20.85
CA TYR B 165 -16.61 6.65 -19.78
C TYR B 165 -16.20 6.08 -18.43
N ARG B 166 -15.91 6.98 -17.48
CA ARG B 166 -15.47 6.63 -16.13
C ARG B 166 -16.23 7.56 -15.17
N ALA B 167 -17.51 7.25 -14.98
CA ALA B 167 -18.39 8.11 -14.18
C ALA B 167 -18.66 7.58 -12.78
N HIS B 168 -18.62 6.27 -12.60
CA HIS B 168 -18.91 5.67 -11.30
C HIS B 168 -17.68 5.77 -10.40
N ALA B 169 -17.83 5.26 -9.16
CA ALA B 169 -16.72 5.13 -8.23
C ALA B 169 -16.66 3.71 -7.63
N ALA B 170 -17.36 2.76 -8.23
CA ALA B 170 -17.37 1.37 -7.79
C ALA B 170 -17.69 0.49 -9.00
N GLN B 171 -17.43 -0.82 -8.85
CA GLN B 171 -17.52 -1.72 -10.00
C GLN B 171 -18.93 -1.75 -10.58
N VAL B 172 -19.01 -1.69 -11.90
CA VAL B 172 -20.26 -1.51 -12.62
C VAL B 172 -21.04 -2.81 -12.62
N THR B 173 -22.26 -2.77 -12.10
CA THR B 173 -23.04 -3.99 -11.88
C THR B 173 -23.86 -4.39 -13.11
N CYS B 174 -24.49 -3.44 -13.79
CA CYS B 174 -25.34 -3.78 -14.92
C CYS B 174 -25.47 -2.59 -15.87
N VAL B 175 -25.42 -2.87 -17.16
CA VAL B 175 -25.75 -1.89 -18.20
C VAL B 175 -26.85 -2.46 -19.06
N ALA B 176 -27.85 -1.63 -19.37
CA ALA B 176 -29.01 -2.05 -20.15
C ALA B 176 -29.25 -1.03 -21.25
N ALA B 177 -29.08 -1.46 -22.50
CA ALA B 177 -29.34 -0.58 -23.63
C ALA B 177 -30.82 -0.25 -23.72
N SER B 178 -31.12 1.00 -24.05
CA SER B 178 -32.50 1.40 -24.21
C SER B 178 -33.09 0.82 -25.48
N PRO B 179 -34.37 0.47 -25.48
CA PRO B 179 -35.02 0.03 -26.72
C PRO B 179 -35.42 1.23 -27.57
N HIS B 180 -35.18 1.11 -28.88
CA HIS B 180 -35.52 2.09 -29.92
C HIS B 180 -34.69 3.37 -29.84
N LYS B 181 -33.80 3.51 -28.85
CA LYS B 181 -32.90 4.66 -28.74
C LYS B 181 -31.47 4.14 -28.78
N ASP B 182 -30.77 4.42 -29.88
CA ASP B 182 -29.41 3.93 -30.08
C ASP B 182 -28.37 4.71 -29.31
N SER B 183 -28.79 5.68 -28.50
CA SER B 183 -27.86 6.53 -27.78
C SER B 183 -28.17 6.64 -26.30
N VAL B 184 -29.17 5.90 -25.80
CA VAL B 184 -29.56 5.92 -24.40
C VAL B 184 -29.33 4.53 -23.82
N PHE B 185 -28.85 4.48 -22.57
CA PHE B 185 -28.72 3.22 -21.85
C PHE B 185 -28.60 3.50 -20.35
N LEU B 186 -28.87 2.47 -19.57
CA LEU B 186 -28.81 2.51 -18.11
C LEU B 186 -27.50 1.93 -17.61
N SER B 187 -27.15 2.27 -16.37
CA SER B 187 -25.99 1.68 -15.72
C SER B 187 -26.10 1.88 -14.22
N CYS B 188 -25.83 0.82 -13.47
CA CYS B 188 -25.88 0.84 -12.01
C CYS B 188 -24.61 0.25 -11.44
N SER B 189 -24.08 0.88 -10.41
CA SER B 189 -22.82 0.48 -9.79
C SER B 189 -23.01 0.36 -8.28
N GLU B 190 -21.97 -0.17 -7.63
CA GLU B 190 -21.99 -0.32 -6.18
C GLU B 190 -21.71 0.99 -5.45
N ASP B 191 -21.49 2.09 -6.18
CA ASP B 191 -21.45 3.43 -5.61
C ASP B 191 -22.83 3.98 -5.34
N ASN B 192 -23.83 3.09 -5.46
CA ASN B 192 -25.22 3.30 -5.09
C ASN B 192 -25.92 4.13 -6.17
N ARG B 193 -25.21 4.48 -7.24
CA ARG B 193 -25.69 5.31 -8.33
C ARG B 193 -26.36 4.50 -9.44
N ILE B 194 -27.43 5.06 -9.99
CA ILE B 194 -27.97 4.67 -11.29
C ILE B 194 -27.82 5.85 -12.23
N LEU B 195 -27.23 5.60 -13.40
CA LEU B 195 -26.92 6.64 -14.36
C LEU B 195 -27.74 6.41 -15.63
N LEU B 196 -28.57 7.39 -15.98
CA LEU B 196 -29.24 7.41 -17.27
C LEU B 196 -28.32 8.09 -18.28
N TRP B 197 -27.91 7.35 -19.30
CA TRP B 197 -26.92 7.84 -20.25
C TRP B 197 -27.59 8.34 -21.52
N ASP B 198 -27.03 9.39 -22.09
CA ASP B 198 -27.44 9.89 -23.40
C ASP B 198 -26.20 10.51 -24.04
N THR B 199 -25.61 9.79 -25.01
CA THR B 199 -24.40 10.27 -25.67
C THR B 199 -24.62 11.57 -26.44
N ARG B 200 -25.86 12.01 -26.59
CA ARG B 200 -26.13 13.26 -27.28
C ARG B 200 -25.83 14.48 -26.41
N CYS B 201 -25.97 14.36 -25.09
CA CYS B 201 -25.71 15.47 -24.19
C CYS B 201 -24.20 15.63 -23.93
N PRO B 202 -23.74 16.87 -23.71
CA PRO B 202 -22.32 17.07 -23.37
C PRO B 202 -21.89 16.27 -22.13
N LYS B 203 -22.63 16.40 -21.04
CA LYS B 203 -22.49 15.54 -19.89
C LYS B 203 -23.44 14.36 -20.08
N PRO B 204 -22.94 13.23 -20.60
CA PRO B 204 -23.86 12.18 -21.07
C PRO B 204 -24.55 11.40 -19.96
N ALA B 205 -24.15 11.57 -18.70
CA ALA B 205 -24.67 10.78 -17.61
C ALA B 205 -25.54 11.64 -16.70
N SER B 206 -26.60 11.01 -16.16
CA SER B 206 -27.58 11.70 -15.33
C SER B 206 -27.98 10.78 -14.18
N GLN B 207 -27.64 11.17 -12.96
CA GLN B 207 -27.92 10.36 -11.78
C GLN B 207 -29.38 10.46 -11.37
N ILE B 208 -29.91 9.37 -10.84
CA ILE B 208 -31.29 9.29 -10.38
C ILE B 208 -31.31 9.52 -8.87
N GLY B 209 -32.00 10.57 -8.44
CA GLY B 209 -32.03 10.94 -7.04
C GLY B 209 -32.91 10.08 -6.15
N CYS B 210 -33.73 9.20 -6.73
CA CYS B 210 -34.62 8.36 -5.94
C CYS B 210 -33.86 7.57 -4.89
N SER B 211 -32.80 6.88 -5.30
CA SER B 211 -32.06 5.99 -4.41
C SER B 211 -30.94 6.73 -3.68
N ALA B 212 -31.29 7.82 -3.00
CA ALA B 212 -30.31 8.52 -2.18
C ALA B 212 -29.82 7.67 -1.01
N PRO B 213 -30.68 6.93 -0.28
CA PRO B 213 -30.16 5.98 0.72
C PRO B 213 -30.43 4.53 0.33
N GLY B 214 -30.85 4.31 -0.92
CA GLY B 214 -31.36 3.02 -1.31
C GLY B 214 -30.27 1.94 -1.30
N TYR B 215 -30.69 0.73 -0.95
CA TYR B 215 -29.82 -0.42 -1.03
C TYR B 215 -29.30 -0.57 -2.46
N LEU B 216 -28.00 -0.88 -2.58
CA LEU B 216 -27.28 -0.86 -3.85
C LEU B 216 -28.07 -1.50 -4.98
N PRO B 217 -28.13 -0.88 -6.15
CA PRO B 217 -28.84 -1.46 -7.29
C PRO B 217 -28.01 -2.57 -7.92
N THR B 218 -28.72 -3.56 -8.45
CA THR B 218 -28.06 -4.76 -8.98
C THR B 218 -28.51 -5.16 -10.38
N SER B 219 -29.69 -4.72 -10.83
CA SER B 219 -30.22 -5.14 -12.12
C SER B 219 -31.03 -4.00 -12.71
N LEU B 220 -31.13 -3.98 -14.04
CA LEU B 220 -31.85 -2.95 -14.76
C LEU B 220 -32.58 -3.56 -15.94
N ALA B 221 -33.79 -3.06 -16.21
CA ALA B 221 -34.57 -3.54 -17.35
C ALA B 221 -35.50 -2.42 -17.80
N TRP B 222 -35.27 -1.92 -19.01
CA TRP B 222 -36.22 -1.01 -19.62
C TRP B 222 -37.54 -1.72 -19.88
N HIS B 223 -38.62 -1.00 -19.76
CA HIS B 223 -39.91 -1.50 -20.21
C HIS B 223 -40.01 -1.36 -21.72
N PRO B 224 -40.48 -2.41 -22.41
CA PRO B 224 -40.39 -2.43 -23.88
C PRO B 224 -41.22 -1.37 -24.58
N GLN B 225 -42.47 -1.25 -24.14
CA GLN B 225 -43.46 -0.29 -24.62
C GLN B 225 -43.16 1.18 -24.32
N GLN B 226 -42.62 1.46 -23.14
CA GLN B 226 -42.36 2.83 -22.76
C GLN B 226 -40.90 3.26 -22.74
N SER B 227 -40.66 4.39 -23.38
CA SER B 227 -39.34 4.97 -23.52
C SER B 227 -38.72 5.36 -22.21
N GLU B 228 -39.53 5.88 -21.31
CA GLU B 228 -39.09 6.36 -20.01
C GLU B 228 -39.37 5.48 -18.80
N VAL B 229 -39.73 4.22 -19.01
CA VAL B 229 -39.98 3.35 -17.87
C VAL B 229 -39.00 2.20 -17.78
N PHE B 230 -38.40 2.03 -16.60
CA PHE B 230 -37.47 0.95 -16.37
C PHE B 230 -37.58 0.53 -14.91
N VAL B 231 -37.08 -0.66 -14.63
CA VAL B 231 -37.10 -1.25 -13.30
C VAL B 231 -35.67 -1.55 -12.88
N PHE B 232 -35.39 -1.37 -11.60
CA PHE B 232 -34.11 -1.79 -11.05
C PHE B 232 -34.34 -2.73 -9.87
N GLY B 233 -33.34 -3.58 -9.63
CA GLY B 233 -33.38 -4.48 -8.49
C GLY B 233 -32.24 -4.21 -7.53
N ASP B 234 -32.54 -4.08 -6.24
CA ASP B 234 -31.51 -3.78 -5.27
C ASP B 234 -30.99 -5.08 -4.64
N GLU B 235 -29.99 -4.94 -3.76
CA GLU B 235 -29.38 -6.09 -3.13
C GLU B 235 -30.19 -6.63 -1.95
N ASN B 236 -31.22 -5.91 -1.49
CA ASN B 236 -32.10 -6.42 -0.45
C ASN B 236 -33.31 -7.16 -1.01
N GLY B 237 -33.33 -7.44 -2.31
CA GLY B 237 -34.43 -8.18 -2.89
C GLY B 237 -35.65 -7.36 -3.23
N THR B 238 -35.53 -6.02 -3.27
CA THR B 238 -36.65 -5.15 -3.55
C THR B 238 -36.62 -4.73 -5.02
N VAL B 239 -37.75 -4.86 -5.70
CA VAL B 239 -37.92 -4.45 -7.08
C VAL B 239 -38.75 -3.18 -7.12
N SER B 240 -38.29 -2.19 -7.90
CA SER B 240 -38.98 -0.91 -8.05
C SER B 240 -38.95 -0.51 -9.51
N LEU B 241 -40.08 0.02 -10.02
CA LEU B 241 -40.11 0.63 -11.34
C LEU B 241 -40.20 2.14 -11.19
N VAL B 242 -39.56 2.87 -12.09
CA VAL B 242 -39.53 4.32 -12.05
C VAL B 242 -39.90 4.89 -13.41
N ASP B 243 -40.77 5.88 -13.42
CA ASP B 243 -40.89 6.81 -14.53
C ASP B 243 -39.63 7.67 -14.56
N THR B 244 -38.79 7.49 -15.58
CA THR B 244 -37.54 8.25 -15.63
C THR B 244 -37.76 9.73 -15.91
N LYS B 245 -38.63 10.08 -16.87
CA LYS B 245 -38.80 11.50 -17.21
C LYS B 245 -39.27 12.29 -16.00
N SER B 246 -40.26 11.77 -15.28
CA SER B 246 -40.85 12.51 -14.17
C SER B 246 -39.90 12.58 -12.98
N THR B 247 -39.10 11.53 -12.77
CA THR B 247 -38.28 11.37 -11.56
C THR B 247 -39.17 11.41 -10.31
N SER B 248 -40.38 10.86 -10.42
CA SER B 248 -41.32 10.84 -9.31
C SER B 248 -41.07 9.63 -8.40
N CYS B 249 -41.90 9.51 -7.38
CA CYS B 249 -41.77 8.42 -6.42
C CYS B 249 -42.04 7.08 -7.10
N VAL B 250 -41.16 6.11 -6.88
CA VAL B 250 -41.28 4.85 -7.57
C VAL B 250 -42.32 3.97 -6.87
N LEU B 251 -42.74 2.92 -7.54
CA LEU B 251 -43.53 1.86 -6.92
C LEU B 251 -42.59 0.71 -6.59
N SER B 252 -42.58 0.29 -5.32
CA SER B 252 -41.66 -0.71 -4.84
C SER B 252 -42.40 -1.92 -4.28
N SER B 253 -41.73 -3.06 -4.27
CA SER B 253 -42.28 -4.29 -3.72
C SER B 253 -41.14 -5.23 -3.37
N ALA B 254 -41.19 -5.80 -2.16
CA ALA B 254 -40.20 -6.77 -1.71
C ALA B 254 -40.51 -8.10 -2.38
N VAL B 255 -39.71 -8.46 -3.39
CA VAL B 255 -39.95 -9.66 -4.19
C VAL B 255 -39.09 -10.82 -3.74
N HIS B 256 -37.85 -10.56 -3.34
CA HIS B 256 -36.88 -11.60 -3.04
C HIS B 256 -36.24 -11.34 -1.68
N SER B 257 -35.33 -12.24 -1.29
CA SER B 257 -34.62 -12.13 -0.03
C SER B 257 -33.11 -11.95 -0.19
N GLN B 258 -32.60 -12.01 -1.42
CA GLN B 258 -31.19 -11.73 -1.71
C GLN B 258 -31.10 -10.70 -2.83
N CYS B 259 -29.88 -10.43 -3.24
CA CYS B 259 -29.61 -9.59 -4.42
C CYS B 259 -30.45 -10.03 -5.61
N VAL B 260 -31.12 -9.07 -6.25
CA VAL B 260 -31.88 -9.34 -7.46
C VAL B 260 -30.91 -9.41 -8.63
N THR B 261 -30.75 -10.61 -9.21
CA THR B 261 -29.71 -10.83 -10.20
C THR B 261 -30.07 -10.16 -11.53
N GLY B 262 -31.28 -10.38 -12.02
CA GLY B 262 -31.69 -9.82 -13.29
C GLY B 262 -33.17 -9.51 -13.32
N LEU B 263 -33.58 -8.85 -14.39
CA LEU B 263 -34.98 -8.45 -14.60
C LEU B 263 -35.25 -8.51 -16.09
N VAL B 264 -36.32 -9.19 -16.49
CA VAL B 264 -36.67 -9.28 -17.90
C VAL B 264 -38.18 -9.03 -18.00
N PHE B 265 -38.58 -8.42 -19.11
CA PHE B 265 -39.99 -8.21 -19.41
C PHE B 265 -40.45 -9.21 -20.46
N SER B 266 -41.67 -9.70 -20.33
CA SER B 266 -42.19 -10.65 -21.31
C SER B 266 -42.45 -9.93 -22.63
N PRO B 267 -42.35 -10.66 -23.75
CA PRO B 267 -42.57 -10.02 -25.06
C PRO B 267 -44.05 -9.84 -25.37
N HIS B 268 -44.89 -9.92 -24.35
CA HIS B 268 -46.32 -9.70 -24.52
C HIS B 268 -46.60 -8.25 -24.89
N SER B 269 -47.87 -7.99 -25.24
CA SER B 269 -48.30 -6.61 -25.42
C SER B 269 -48.48 -5.91 -24.08
N VAL B 270 -48.88 -6.65 -23.05
CA VAL B 270 -48.83 -6.18 -21.67
C VAL B 270 -47.75 -6.98 -20.93
N PRO B 271 -46.48 -6.59 -21.04
CA PRO B 271 -45.40 -7.44 -20.50
C PRO B 271 -45.54 -7.72 -19.01
N PHE B 272 -45.25 -8.97 -18.65
CA PHE B 272 -45.03 -9.37 -17.27
C PHE B 272 -43.57 -9.15 -16.91
N LEU B 273 -43.31 -8.82 -15.66
CA LEU B 273 -41.95 -8.58 -15.17
C LEU B 273 -41.46 -9.84 -14.45
N ALA B 274 -40.46 -10.49 -15.01
CA ALA B 274 -39.87 -11.68 -14.42
C ALA B 274 -38.59 -11.30 -13.69
N SER B 275 -38.58 -11.43 -12.38
CA SER B 275 -37.39 -11.17 -11.59
C SER B 275 -36.70 -12.47 -11.20
N LEU B 276 -35.39 -12.37 -10.96
CA LEU B 276 -34.63 -13.53 -10.53
C LEU B 276 -33.48 -13.06 -9.64
N SER B 277 -33.26 -13.79 -8.55
CA SER B 277 -32.38 -13.32 -7.49
C SER B 277 -31.55 -14.49 -6.94
N GLU B 278 -30.69 -14.17 -5.98
CA GLU B 278 -29.81 -15.17 -5.38
C GLU B 278 -30.48 -16.01 -4.31
N ASP B 279 -31.77 -15.81 -4.05
CA ASP B 279 -32.51 -16.72 -3.19
C ASP B 279 -33.00 -17.95 -3.94
N CYS B 280 -32.42 -18.23 -5.11
CA CYS B 280 -32.66 -19.41 -5.94
C CYS B 280 -34.08 -19.49 -6.47
N SER B 281 -34.87 -18.43 -6.33
CA SER B 281 -36.26 -18.42 -6.76
C SER B 281 -36.45 -17.48 -7.93
N LEU B 282 -37.28 -17.89 -8.88
CA LEU B 282 -37.72 -17.05 -9.97
C LEU B 282 -39.13 -16.54 -9.66
N ALA B 283 -39.39 -15.27 -9.95
CA ALA B 283 -40.70 -14.69 -9.73
C ALA B 283 -41.10 -13.88 -10.95
N VAL B 284 -42.40 -13.88 -11.27
CA VAL B 284 -42.93 -13.10 -12.37
C VAL B 284 -43.94 -12.12 -11.80
N LEU B 285 -43.89 -10.88 -12.28
CA LEU B 285 -44.72 -9.81 -11.75
C LEU B 285 -45.57 -9.21 -12.86
N ASP B 286 -46.51 -8.36 -12.46
CA ASP B 286 -47.38 -7.65 -13.38
C ASP B 286 -46.96 -6.18 -13.47
N SER B 287 -47.90 -5.32 -13.85
CA SER B 287 -47.58 -3.89 -13.96
C SER B 287 -47.48 -3.22 -12.60
N SER B 288 -48.43 -3.50 -11.70
CA SER B 288 -48.33 -3.00 -10.34
C SER B 288 -47.35 -3.80 -9.48
N LEU B 289 -46.48 -4.59 -10.10
CA LEU B 289 -45.47 -5.38 -9.40
C LEU B 289 -46.07 -6.39 -8.43
N SER B 290 -47.35 -6.71 -8.57
CA SER B 290 -47.88 -7.84 -7.82
C SER B 290 -47.35 -9.14 -8.40
N GLU B 291 -47.58 -10.22 -7.68
CA GLU B 291 -46.85 -11.46 -7.85
C GLU B 291 -47.79 -12.56 -8.31
N LEU B 292 -47.48 -13.18 -9.44
CA LEU B 292 -48.30 -14.22 -10.05
C LEU B 292 -47.73 -15.61 -9.93
N PHE B 293 -46.40 -15.76 -9.98
CA PHE B 293 -45.75 -17.07 -10.02
C PHE B 293 -44.34 -16.97 -9.45
N ARG B 294 -44.01 -17.91 -8.54
CA ARG B 294 -42.67 -18.30 -8.12
C ARG B 294 -42.34 -19.66 -8.67
N SER B 295 -41.07 -19.90 -8.99
CA SER B 295 -40.60 -21.27 -9.13
C SER B 295 -39.40 -21.46 -8.23
N GLN B 296 -39.49 -22.43 -7.31
CA GLN B 296 -38.39 -22.81 -6.43
C GLN B 296 -37.53 -23.91 -7.04
N ALA B 297 -37.69 -24.19 -8.33
CA ALA B 297 -37.10 -25.38 -8.93
C ALA B 297 -35.58 -25.37 -8.92
N HIS B 298 -34.96 -24.21 -8.87
CA HIS B 298 -33.50 -24.13 -8.88
C HIS B 298 -32.94 -24.33 -7.48
N ARG B 299 -31.87 -25.13 -7.41
CA ARG B 299 -31.18 -25.36 -6.15
C ARG B 299 -30.07 -24.36 -5.89
N ASP B 300 -29.55 -23.73 -6.93
CA ASP B 300 -28.48 -22.73 -6.77
C ASP B 300 -28.94 -21.37 -7.26
N PHE B 301 -28.00 -20.46 -7.50
CA PHE B 301 -28.34 -19.12 -7.96
C PHE B 301 -28.95 -19.18 -9.35
N VAL B 302 -29.94 -18.34 -9.59
CA VAL B 302 -30.53 -18.15 -10.92
C VAL B 302 -29.86 -16.97 -11.58
N ARG B 303 -29.52 -17.09 -12.85
CA ARG B 303 -28.60 -16.15 -13.48
C ARG B 303 -29.17 -15.38 -14.67
N ASP B 304 -30.09 -15.96 -15.44
CA ASP B 304 -30.67 -15.23 -16.56
C ASP B 304 -32.06 -15.76 -16.88
N ALA B 305 -32.84 -14.92 -17.56
CA ALA B 305 -34.19 -15.23 -17.99
C ALA B 305 -34.36 -14.83 -19.44
N THR B 306 -35.09 -15.65 -20.20
CA THR B 306 -35.42 -15.32 -21.58
C THR B 306 -36.72 -16.01 -21.97
N TRP B 307 -37.70 -15.23 -22.42
CA TRP B 307 -38.97 -15.81 -22.80
C TRP B 307 -38.89 -16.39 -24.20
N SER B 308 -39.63 -17.47 -24.42
CA SER B 308 -39.74 -18.05 -25.74
C SER B 308 -40.56 -17.12 -26.63
N PRO B 309 -40.02 -16.69 -27.78
CA PRO B 309 -40.85 -15.91 -28.71
C PRO B 309 -41.82 -16.75 -29.51
N LEU B 310 -41.75 -18.07 -29.41
CA LEU B 310 -42.63 -18.94 -30.18
C LEU B 310 -43.99 -19.09 -29.50
N ASN B 311 -44.00 -19.40 -28.21
CA ASN B 311 -45.19 -19.22 -27.39
C ASN B 311 -44.81 -18.34 -26.21
N HIS B 312 -45.73 -17.48 -25.80
CA HIS B 312 -45.40 -16.40 -24.86
C HIS B 312 -45.74 -16.75 -23.42
N SER B 313 -46.05 -18.01 -23.14
CA SER B 313 -46.23 -18.48 -21.77
C SER B 313 -45.05 -19.32 -21.27
N LEU B 314 -44.12 -19.68 -22.15
CA LEU B 314 -42.86 -20.31 -21.76
C LEU B 314 -41.82 -19.27 -21.38
N LEU B 315 -41.21 -19.45 -20.22
CA LEU B 315 -40.07 -18.67 -19.77
C LEU B 315 -39.05 -19.62 -19.19
N THR B 316 -37.86 -19.65 -19.78
CA THR B 316 -36.79 -20.52 -19.33
C THR B 316 -35.71 -19.72 -18.62
N THR B 317 -35.22 -20.29 -17.51
CA THR B 317 -34.18 -19.71 -16.68
C THR B 317 -33.17 -20.77 -16.29
N VAL B 318 -31.89 -20.39 -16.30
CA VAL B 318 -30.81 -21.28 -15.97
C VAL B 318 -30.35 -20.99 -14.54
N GLY B 319 -29.44 -21.83 -14.04
CA GLY B 319 -28.87 -21.60 -12.73
C GLY B 319 -27.48 -22.19 -12.65
N TRP B 320 -26.83 -21.90 -11.52
CA TRP B 320 -25.55 -22.54 -11.22
C TRP B 320 -25.72 -23.99 -10.81
N ASP B 321 -26.95 -24.47 -10.66
CA ASP B 321 -27.22 -25.89 -10.48
C ASP B 321 -27.23 -26.65 -11.80
N HIS B 322 -26.90 -25.98 -12.90
CA HIS B 322 -26.77 -26.60 -14.22
C HIS B 322 -28.07 -27.20 -14.71
N GLN B 323 -29.19 -26.57 -14.34
CA GLN B 323 -30.50 -26.91 -14.88
C GLN B 323 -30.98 -25.79 -15.79
N VAL B 324 -31.68 -26.16 -16.86
CA VAL B 324 -32.54 -25.23 -17.58
C VAL B 324 -33.98 -25.67 -17.30
N VAL B 325 -34.79 -24.75 -16.80
CA VAL B 325 -36.14 -25.05 -16.36
C VAL B 325 -37.11 -24.29 -17.26
N HIS B 326 -37.95 -25.02 -17.98
CA HIS B 326 -38.96 -24.43 -18.85
C HIS B 326 -40.25 -24.26 -18.03
N HIS B 327 -40.42 -23.07 -17.45
CA HIS B 327 -41.61 -22.77 -16.68
C HIS B 327 -42.75 -22.38 -17.59
N VAL B 328 -43.95 -22.77 -17.23
CA VAL B 328 -45.16 -22.33 -17.91
C VAL B 328 -45.74 -21.18 -17.08
N VAL B 329 -45.68 -19.97 -17.63
CA VAL B 329 -46.16 -18.80 -16.94
C VAL B 329 -47.63 -18.68 -17.03
N PRO B 330 -48.32 -19.00 -15.94
CA PRO B 330 -49.77 -19.03 -15.89
C PRO B 330 -50.36 -17.66 -16.00
N THR B 331 -50.48 -17.15 -17.22
CA THR B 331 -51.07 -15.86 -17.49
C THR B 331 -52.53 -15.83 -17.03
#